data_5LV1
#
_entry.id   5LV1
#
_cell.length_a   152.175
_cell.length_b   152.175
_cell.length_c   67.915
_cell.angle_alpha   90.00
_cell.angle_beta   90.00
_cell.angle_gamma   120.00
#
_symmetry.space_group_name_H-M   'P 31 2 1'
#
loop_
_entity.id
_entity.type
_entity.pdbx_description
1 polymer PtxB
2 non-polymer oxidanylphosphinate
3 water water
#
_entity_poly.entity_id   1
_entity_poly.type   'polypeptide(L)'
_entity_poly.pdbx_seq_one_letter_code
;MSTKNAGPSADPDKLIVALIPDENAATVIQDNQGLKDYLTEAFDKEIELVVTTDYSSMIEAARNDRLDLAYFGPLSYVLA
KAVSDIEPFAARIKGGTKTYNSCIIGNTKKGVTSFDDIKGTTFALGDPASTSSRLFPELTLAENGLTKGKDFQGVFLGSH
DAVALAVQNGNAQAGGMACPILKSLKKKGVIDPSKVTTIAQSSPIPQYPWTMRSTLSPELKEKIRFTFLDLDSDKVLKPF
NADGFASITDSDYDGIRKAGKLLGLDLSKFVKLEHHHHHH
;
_entity_poly.pdbx_strand_id   A,C,B
#
loop_
_chem_comp.id
_chem_comp.type
_chem_comp.name
_chem_comp.formula
78T non-polymer oxidanylphosphinate 'H2 O3 P -1'
#
# COMPACT_ATOMS: atom_id res chain seq x y z
N SER A 9 1.36 -18.48 6.74
CA SER A 9 -0.06 -18.85 6.45
C SER A 9 -1.10 -17.83 6.94
N ALA A 10 -0.73 -16.84 7.74
CA ALA A 10 -1.65 -15.71 8.09
C ALA A 10 -1.80 -14.68 6.95
N ASP A 11 -0.82 -14.63 6.05
CA ASP A 11 -0.88 -13.75 4.87
C ASP A 11 -0.02 -14.33 3.73
N PRO A 12 -0.37 -15.53 3.22
CA PRO A 12 0.48 -16.22 2.25
C PRO A 12 0.48 -15.57 0.86
N ASP A 13 1.49 -15.91 0.06
CA ASP A 13 1.63 -15.40 -1.31
C ASP A 13 0.64 -16.06 -2.27
N LYS A 14 0.15 -17.24 -1.88
CA LYS A 14 -0.88 -17.93 -2.66
C LYS A 14 -2.15 -18.20 -1.84
N LEU A 15 -3.31 -17.88 -2.41
CA LEU A 15 -4.61 -18.29 -1.85
C LEU A 15 -5.20 -19.53 -2.55
N ILE A 16 -5.53 -20.56 -1.78
CA ILE A 16 -6.25 -21.73 -2.27
C ILE A 16 -7.74 -21.39 -2.18
N VAL A 17 -8.43 -21.48 -3.30
CA VAL A 17 -9.84 -21.09 -3.42
C VAL A 17 -10.68 -22.29 -3.89
N ALA A 18 -11.48 -22.87 -2.98
CA ALA A 18 -12.26 -24.07 -3.27
C ALA A 18 -13.70 -23.74 -3.66
N LEU A 19 -14.20 -24.51 -4.64
CA LEU A 19 -15.54 -24.34 -5.19
C LEU A 19 -16.30 -25.68 -5.11
N ILE A 20 -17.53 -25.64 -4.57
CA ILE A 20 -18.32 -26.85 -4.34
C ILE A 20 -18.61 -27.46 -5.73
N PRO A 21 -18.49 -28.78 -5.88
CA PRO A 21 -18.72 -29.31 -7.24
C PRO A 21 -20.18 -29.58 -7.55
N ASP A 22 -21.00 -28.54 -7.69
CA ASP A 22 -22.42 -28.74 -7.98
C ASP A 22 -22.74 -29.15 -9.42
N GLU A 23 -21.77 -28.96 -10.32
CA GLU A 23 -21.87 -29.33 -11.74
C GLU A 23 -20.52 -29.94 -12.11
N ASN A 24 -20.38 -30.40 -13.37
CA ASN A 24 -19.12 -30.91 -13.93
C ASN A 24 -17.97 -29.96 -13.59
N ALA A 25 -16.84 -30.51 -13.12
CA ALA A 25 -15.69 -29.70 -12.75
C ALA A 25 -15.28 -28.71 -13.83
N ALA A 26 -15.31 -29.17 -15.09
CA ALA A 26 -14.97 -28.32 -16.25
C ALA A 26 -15.78 -27.00 -16.31
N THR A 27 -17.09 -27.12 -16.09
CA THR A 27 -18.01 -25.97 -16.07
C THR A 27 -17.72 -25.00 -14.94
N VAL A 28 -17.55 -25.54 -13.73
CA VAL A 28 -17.31 -24.77 -12.52
C VAL A 28 -15.99 -23.97 -12.64
N ILE A 29 -14.96 -24.62 -13.17
CA ILE A 29 -13.65 -23.98 -13.39
C ILE A 29 -13.77 -22.85 -14.43
N GLN A 30 -14.42 -23.13 -15.55
CA GLN A 30 -14.61 -22.12 -16.63
C GLN A 30 -15.44 -20.89 -16.16
N ASP A 31 -16.55 -21.14 -15.48
CA ASP A 31 -17.40 -20.09 -14.91
C ASP A 31 -16.69 -19.16 -13.93
N ASN A 32 -15.68 -19.66 -13.23
CA ASN A 32 -14.99 -18.87 -12.22
C ASN A 32 -13.71 -18.14 -12.70
N GLN A 33 -13.40 -18.24 -14.01
CA GLN A 33 -12.18 -17.64 -14.58
C GLN A 33 -12.17 -16.10 -14.46
N GLY A 34 -13.31 -15.45 -14.67
CA GLY A 34 -13.42 -14.01 -14.46
C GLY A 34 -13.09 -13.60 -13.04
N LEU A 35 -13.74 -14.24 -12.06
CA LEU A 35 -13.47 -14.00 -10.63
C LEU A 35 -12.02 -14.27 -10.25
N LYS A 36 -11.44 -15.34 -10.80
CA LYS A 36 -10.05 -15.70 -10.52
C LYS A 36 -9.09 -14.54 -10.84
N ASP A 37 -9.29 -13.96 -12.01
CA ASP A 37 -8.51 -12.82 -12.49
C ASP A 37 -8.68 -11.59 -11.60
N TYR A 38 -9.93 -11.20 -11.40
CA TYR A 38 -10.25 -10.09 -10.56
C TYR A 38 -9.59 -10.21 -9.20
N LEU A 39 -9.75 -11.36 -8.53
CA LEU A 39 -9.13 -11.54 -7.20
C LEU A 39 -7.62 -11.49 -7.27
N THR A 40 -7.02 -12.07 -8.31
CA THR A 40 -5.55 -12.02 -8.50
C THR A 40 -4.98 -10.56 -8.52
N GLU A 41 -5.65 -9.65 -9.22
CA GLU A 41 -5.23 -8.24 -9.29
C GLU A 41 -5.66 -7.42 -8.08
N ALA A 42 -6.86 -7.67 -7.58
CA ALA A 42 -7.27 -7.08 -6.30
C ALA A 42 -6.32 -7.35 -5.11
N PHE A 43 -5.77 -8.56 -5.00
CA PHE A 43 -4.97 -8.95 -3.82
C PHE A 43 -3.44 -8.97 -4.01
N ASP A 44 -2.95 -8.82 -5.25
CA ASP A 44 -1.56 -9.12 -5.62
C ASP A 44 -1.05 -10.49 -5.13
N LYS A 45 -1.85 -11.53 -5.37
CA LYS A 45 -1.54 -12.90 -4.93
C LYS A 45 -1.76 -13.91 -6.03
N GLU A 46 -1.02 -15.02 -5.94
CA GLU A 46 -1.28 -16.19 -6.77
C GLU A 46 -2.61 -16.83 -6.30
N ILE A 47 -3.50 -17.15 -7.24
CA ILE A 47 -4.80 -17.78 -6.92
C ILE A 47 -4.87 -19.17 -7.54
N GLU A 48 -4.97 -20.20 -6.68
CA GLU A 48 -5.22 -21.58 -7.12
C GLU A 48 -6.68 -22.02 -6.84
N LEU A 49 -7.45 -22.31 -7.90
CA LEU A 49 -8.81 -22.89 -7.78
C LEU A 49 -8.77 -24.40 -7.52
N VAL A 50 -9.55 -24.88 -6.56
CA VAL A 50 -9.74 -26.32 -6.33
C VAL A 50 -11.21 -26.72 -6.53
N VAL A 51 -11.44 -27.74 -7.34
CA VAL A 51 -12.75 -28.35 -7.45
C VAL A 51 -12.61 -29.81 -7.07
N THR A 52 -13.14 -30.19 -5.91
CA THR A 52 -12.99 -31.56 -5.40
C THR A 52 -13.90 -32.56 -6.12
N THR A 53 -13.64 -33.82 -5.85
CA THR A 53 -14.36 -34.92 -6.46
C THR A 53 -15.82 -35.03 -5.93
N ASP A 54 -16.01 -34.64 -4.68
CA ASP A 54 -17.35 -34.54 -4.11
C ASP A 54 -17.37 -33.49 -2.99
N TYR A 55 -18.54 -33.28 -2.38
CA TYR A 55 -18.72 -32.25 -1.38
C TYR A 55 -17.94 -32.63 -0.07
N SER A 56 -17.93 -33.93 0.27
CA SER A 56 -17.26 -34.37 1.49
C SER A 56 -15.75 -34.17 1.52
N SER A 57 -15.07 -34.35 0.38
CA SER A 57 -13.63 -34.05 0.23
C SER A 57 -13.35 -32.58 0.50
N MET A 58 -14.26 -31.71 0.09
CA MET A 58 -14.15 -30.28 0.39
C MET A 58 -14.33 -29.94 1.87
N ILE A 59 -15.25 -30.63 2.54
CA ILE A 59 -15.42 -30.50 4.00
C ILE A 59 -14.15 -30.96 4.76
N GLU A 60 -13.56 -32.08 4.36
CA GLU A 60 -12.32 -32.56 4.97
C GLU A 60 -11.12 -31.63 4.75
N ALA A 61 -11.04 -30.98 3.58
CA ALA A 61 -10.00 -29.97 3.31
C ALA A 61 -10.17 -28.74 4.19
N ALA A 62 -11.40 -28.24 4.35
CA ALA A 62 -11.67 -27.16 5.33
C ALA A 62 -11.19 -27.55 6.74
N ARG A 63 -11.49 -28.78 7.11
CA ARG A 63 -11.18 -29.35 8.41
C ARG A 63 -9.69 -29.34 8.73
N ASN A 64 -8.85 -29.63 7.75
CA ASN A 64 -7.40 -29.66 7.92
C ASN A 64 -6.70 -28.34 7.53
N ASP A 65 -7.41 -27.21 7.59
CA ASP A 65 -6.92 -25.87 7.16
C ASP A 65 -6.13 -25.84 5.84
N ARG A 66 -6.63 -26.57 4.84
CA ARG A 66 -6.04 -26.62 3.51
C ARG A 66 -6.59 -25.55 2.56
N LEU A 67 -7.71 -24.91 2.95
CA LEU A 67 -8.35 -23.87 2.15
C LEU A 67 -8.17 -22.49 2.78
N ASP A 68 -8.21 -21.45 1.94
CA ASP A 68 -8.19 -20.05 2.40
C ASP A 68 -9.52 -19.34 2.11
N LEU A 69 -10.05 -19.53 0.90
CA LEU A 69 -11.45 -19.21 0.63
C LEU A 69 -12.17 -20.50 0.26
N ALA A 70 -13.48 -20.54 0.49
CA ALA A 70 -14.29 -21.72 0.14
C ALA A 70 -15.74 -21.34 -0.13
N TYR A 71 -16.20 -21.59 -1.36
CA TYR A 71 -17.58 -21.36 -1.78
C TYR A 71 -18.37 -22.67 -1.56
N PHE A 72 -19.02 -22.76 -0.40
CA PHE A 72 -19.79 -23.95 0.03
C PHE A 72 -21.24 -23.91 -0.40
N GLY A 73 -21.89 -25.07 -0.40
CA GLY A 73 -23.37 -25.17 -0.45
C GLY A 73 -23.90 -24.96 0.97
N PRO A 74 -25.18 -24.57 1.13
CA PRO A 74 -25.65 -24.26 2.49
C PRO A 74 -25.50 -25.41 3.50
N LEU A 75 -25.93 -26.62 3.15
CA LEU A 75 -25.75 -27.78 4.05
C LEU A 75 -24.29 -28.14 4.28
N SER A 76 -23.50 -28.18 3.20
CA SER A 76 -22.06 -28.47 3.31
C SER A 76 -21.29 -27.43 4.15
N TYR A 77 -21.74 -26.18 4.08
CA TYR A 77 -21.24 -25.13 4.97
C TYR A 77 -21.53 -25.45 6.44
N VAL A 78 -22.77 -25.76 6.77
CA VAL A 78 -23.15 -26.14 8.16
C VAL A 78 -22.32 -27.33 8.65
N LEU A 79 -22.09 -28.29 7.79
CA LEU A 79 -21.30 -29.46 8.17
C LEU A 79 -19.83 -29.08 8.45
N ALA A 80 -19.21 -28.34 7.51
CA ALA A 80 -17.80 -27.93 7.64
C ALA A 80 -17.54 -27.00 8.84
N LYS A 81 -18.50 -26.11 9.09
CA LYS A 81 -18.42 -25.14 10.18
C LYS A 81 -18.24 -25.81 11.57
N ALA A 82 -18.90 -26.96 11.76
CA ALA A 82 -18.84 -27.70 13.04
C ALA A 82 -17.47 -28.31 13.34
N VAL A 83 -16.67 -28.57 12.31
CA VAL A 83 -15.35 -29.17 12.50
C VAL A 83 -14.19 -28.27 11.99
N SER A 84 -14.47 -27.02 11.59
CA SER A 84 -13.49 -26.13 10.97
C SER A 84 -13.62 -24.74 11.54
N ASP A 85 -12.53 -23.97 11.44
CA ASP A 85 -12.55 -22.54 11.78
C ASP A 85 -12.47 -21.81 10.44
N ILE A 86 -13.63 -21.74 9.83
CA ILE A 86 -13.90 -20.89 8.70
C ILE A 86 -14.97 -19.96 9.20
N GLU A 87 -15.22 -18.90 8.44
CA GLU A 87 -16.31 -17.98 8.73
C GLU A 87 -16.96 -17.40 7.45
N PRO A 88 -18.29 -17.25 7.46
CA PRO A 88 -19.00 -16.75 6.26
C PRO A 88 -18.85 -15.25 6.10
N PHE A 89 -19.01 -14.72 4.89
CA PHE A 89 -18.96 -13.25 4.69
C PHE A 89 -19.70 -12.68 3.47
N ALA A 90 -20.05 -13.49 2.46
CA ALA A 90 -20.80 -12.99 1.28
C ALA A 90 -21.57 -14.08 0.55
N ALA A 91 -22.54 -13.65 -0.24
CA ALA A 91 -23.38 -14.52 -1.07
C ALA A 91 -23.90 -13.73 -2.25
N ARG A 92 -24.23 -14.44 -3.33
CA ARG A 92 -24.73 -13.81 -4.56
C ARG A 92 -26.08 -13.14 -4.31
N ILE A 93 -26.27 -12.00 -4.95
CA ILE A 93 -27.54 -11.27 -4.89
C ILE A 93 -27.97 -10.89 -6.31
N LYS A 94 -29.28 -10.89 -6.52
CA LYS A 94 -29.88 -10.80 -7.85
C LYS A 94 -31.27 -10.17 -7.70
N GLY A 95 -31.47 -8.97 -8.27
CA GLY A 95 -32.75 -8.25 -8.15
C GLY A 95 -33.23 -8.18 -6.71
N GLY A 96 -32.35 -7.79 -5.80
CA GLY A 96 -32.69 -7.72 -4.38
C GLY A 96 -32.75 -9.04 -3.63
N THR A 97 -32.91 -10.17 -4.31
CA THR A 97 -33.02 -11.48 -3.65
C THR A 97 -31.68 -12.23 -3.46
N LYS A 98 -31.45 -12.67 -2.23
CA LYS A 98 -30.27 -13.39 -1.83
C LYS A 98 -30.59 -14.87 -1.50
N THR A 99 -31.56 -15.48 -2.19
CA THR A 99 -31.98 -16.88 -1.96
C THR A 99 -32.17 -17.63 -3.27
N TYR A 100 -32.26 -18.97 -3.20
CA TYR A 100 -32.62 -19.84 -4.37
C TYR A 100 -33.57 -20.96 -3.93
N ASN A 101 -34.11 -21.70 -4.90
CA ASN A 101 -35.12 -22.74 -4.62
C ASN A 101 -34.66 -24.13 -5.14
N SER A 102 -35.25 -25.17 -4.56
CA SER A 102 -35.10 -26.54 -5.03
C SER A 102 -36.32 -26.92 -5.85
N CYS A 103 -36.09 -27.65 -6.93
CA CYS A 103 -37.09 -28.01 -7.91
C CYS A 103 -37.27 -29.54 -7.84
N ILE A 104 -38.51 -30.01 -7.79
CA ILE A 104 -38.81 -31.43 -7.99
C ILE A 104 -39.21 -31.56 -9.46
N ILE A 105 -38.63 -32.53 -10.16
CA ILE A 105 -38.87 -32.73 -11.61
C ILE A 105 -39.26 -34.16 -11.95
N GLY A 106 -39.96 -34.33 -13.08
CA GLY A 106 -40.41 -35.64 -13.58
C GLY A 106 -40.26 -35.85 -15.08
N ASN A 107 -40.13 -37.12 -15.48
CA ASN A 107 -40.00 -37.46 -16.87
C ASN A 107 -41.37 -37.30 -17.54
N THR A 108 -41.46 -36.36 -18.49
CA THR A 108 -42.75 -36.01 -19.13
C THR A 108 -43.35 -37.21 -19.91
N LYS A 109 -42.52 -37.89 -20.69
CA LYS A 109 -42.97 -38.98 -21.54
C LYS A 109 -43.67 -40.12 -20.78
N LYS A 110 -43.22 -40.37 -19.56
CA LYS A 110 -43.80 -41.39 -18.70
C LYS A 110 -44.98 -40.89 -17.87
N GLY A 111 -45.42 -39.65 -18.08
CA GLY A 111 -46.53 -39.07 -17.33
C GLY A 111 -46.27 -38.80 -15.85
N VAL A 112 -45.02 -38.54 -15.47
CA VAL A 112 -44.71 -38.25 -14.05
C VAL A 112 -44.85 -36.74 -13.79
N THR A 113 -46.08 -36.30 -13.52
CA THR A 113 -46.41 -34.87 -13.36
C THR A 113 -46.96 -34.46 -11.99
N SER A 114 -47.04 -35.39 -11.06
CA SER A 114 -47.58 -35.15 -9.73
C SER A 114 -46.82 -36.05 -8.76
N PHE A 115 -46.85 -35.70 -7.47
CA PHE A 115 -46.25 -36.53 -6.43
C PHE A 115 -46.73 -37.99 -6.42
N ASP A 116 -48.02 -38.26 -6.69
CA ASP A 116 -48.55 -39.62 -6.76
C ASP A 116 -47.80 -40.47 -7.78
N ASP A 117 -47.44 -39.85 -8.90
CA ASP A 117 -46.70 -40.54 -9.95
C ASP A 117 -45.28 -40.96 -9.55
N ILE A 118 -44.72 -40.39 -8.48
CA ILE A 118 -43.39 -40.79 -7.99
C ILE A 118 -43.42 -42.17 -7.30
N LYS A 119 -44.57 -42.60 -6.80
CA LYS A 119 -44.64 -43.91 -6.12
C LYS A 119 -44.14 -45.07 -6.99
N GLY A 120 -43.26 -45.90 -6.44
CA GLY A 120 -42.65 -46.99 -7.17
C GLY A 120 -41.56 -46.64 -8.20
N THR A 121 -41.01 -45.43 -8.14
CA THR A 121 -39.94 -45.02 -9.08
C THR A 121 -38.55 -45.04 -8.46
N THR A 122 -37.56 -44.85 -9.34
CA THR A 122 -36.21 -44.41 -8.98
C THR A 122 -36.25 -42.89 -8.98
N PHE A 123 -35.85 -42.28 -7.86
CA PHE A 123 -35.81 -40.81 -7.70
C PHE A 123 -34.34 -40.37 -7.66
N ALA A 124 -33.95 -39.48 -8.56
CA ALA A 124 -32.54 -39.06 -8.68
C ALA A 124 -32.20 -37.98 -7.65
N LEU A 125 -31.12 -38.21 -6.90
CA LEU A 125 -30.52 -37.21 -6.02
C LEU A 125 -29.07 -36.87 -6.47
N GLY A 126 -28.54 -35.75 -5.96
CA GLY A 126 -27.17 -35.31 -6.24
C GLY A 126 -26.18 -35.89 -5.23
N ASP A 127 -25.24 -35.06 -4.76
CA ASP A 127 -24.30 -35.44 -3.69
C ASP A 127 -25.10 -35.61 -2.35
N PRO A 128 -24.73 -36.61 -1.54
CA PRO A 128 -25.38 -36.80 -0.25
C PRO A 128 -25.41 -35.57 0.65
N ALA A 129 -24.38 -34.71 0.59
CA ALA A 129 -24.37 -33.46 1.36
C ALA A 129 -24.99 -32.23 0.67
N SER A 130 -25.81 -32.43 -0.37
CA SER A 130 -26.46 -31.34 -1.13
C SER A 130 -27.77 -30.87 -0.50
N THR A 131 -27.96 -29.56 -0.51
CA THR A 131 -29.13 -28.91 0.06
C THR A 131 -30.36 -29.03 -0.83
N SER A 132 -30.21 -28.70 -2.12
CA SER A 132 -31.30 -28.65 -3.08
C SER A 132 -31.45 -29.90 -3.97
N SER A 133 -30.46 -30.79 -3.95
CA SER A 133 -30.59 -32.09 -4.59
C SER A 133 -30.51 -33.30 -3.62
N ARG A 134 -30.56 -33.08 -2.29
CA ARG A 134 -30.76 -34.20 -1.35
C ARG A 134 -31.67 -33.85 -0.17
N LEU A 135 -31.28 -32.88 0.66
CA LEU A 135 -31.97 -32.56 1.89
C LEU A 135 -33.42 -32.09 1.66
N PHE A 136 -33.57 -31.02 0.89
CA PHE A 136 -34.90 -30.43 0.60
C PHE A 136 -35.84 -31.36 -0.20
N PRO A 137 -35.33 -32.03 -1.26
CA PRO A 137 -36.24 -32.97 -1.97
C PRO A 137 -36.77 -34.13 -1.09
N GLU A 138 -35.92 -34.76 -0.27
CA GLU A 138 -36.38 -35.81 0.67
C GLU A 138 -37.41 -35.28 1.68
N LEU A 139 -37.17 -34.11 2.24
CA LEU A 139 -38.18 -33.49 3.10
C LEU A 139 -39.50 -33.25 2.36
N THR A 140 -39.43 -32.74 1.14
CA THR A 140 -40.61 -32.44 0.35
C THR A 140 -41.46 -33.68 -0.03
N LEU A 141 -40.79 -34.78 -0.34
CA LEU A 141 -41.47 -36.03 -0.69
C LEU A 141 -42.20 -36.61 0.54
N ALA A 142 -41.50 -36.64 1.68
CA ALA A 142 -42.07 -37.01 2.99
C ALA A 142 -43.31 -36.19 3.39
N GLU A 143 -43.26 -34.88 3.19
CA GLU A 143 -44.41 -33.98 3.43
C GLU A 143 -45.61 -34.22 2.49
N ASN A 144 -45.41 -34.94 1.40
CA ASN A 144 -46.49 -35.36 0.48
C ASN A 144 -46.71 -36.87 0.56
N GLY A 145 -46.50 -37.46 1.73
CA GLY A 145 -46.83 -38.85 1.96
C GLY A 145 -45.98 -39.89 1.27
N LEU A 146 -44.75 -39.55 0.85
CA LEU A 146 -43.83 -40.53 0.25
C LEU A 146 -42.60 -40.72 1.13
N THR A 147 -42.39 -41.92 1.67
CA THR A 147 -41.17 -42.19 2.47
C THR A 147 -40.14 -43.03 1.70
N LYS A 148 -38.92 -42.49 1.60
CA LYS A 148 -37.76 -43.16 0.99
C LYS A 148 -37.55 -44.55 1.56
N GLY A 149 -37.34 -45.52 0.68
CA GLY A 149 -37.12 -46.90 1.10
C GLY A 149 -38.36 -47.77 1.20
N LYS A 150 -39.54 -47.19 1.04
CA LYS A 150 -40.80 -47.94 1.09
C LYS A 150 -41.74 -47.59 -0.04
N ASP A 151 -41.92 -46.30 -0.32
CA ASP A 151 -42.70 -45.82 -1.48
C ASP A 151 -41.88 -45.61 -2.78
N PHE A 152 -40.58 -45.36 -2.62
CA PHE A 152 -39.62 -45.17 -3.73
C PHE A 152 -38.17 -45.44 -3.25
N GLN A 153 -37.25 -45.58 -4.21
CA GLN A 153 -35.81 -45.66 -3.97
C GLN A 153 -35.09 -44.43 -4.54
N GLY A 154 -34.15 -43.89 -3.77
CA GLY A 154 -33.26 -42.81 -4.17
C GLY A 154 -32.00 -43.39 -4.77
N VAL A 155 -31.29 -42.61 -5.58
CA VAL A 155 -29.94 -42.95 -6.06
C VAL A 155 -29.09 -41.67 -6.05
N PHE A 156 -27.87 -41.73 -5.49
CA PHE A 156 -26.98 -40.58 -5.42
C PHE A 156 -26.19 -40.51 -6.73
N LEU A 157 -26.51 -39.56 -7.60
CA LEU A 157 -25.77 -39.39 -8.85
C LEU A 157 -24.61 -38.37 -8.83
N GLY A 158 -24.33 -37.71 -7.71
CA GLY A 158 -23.14 -36.85 -7.58
C GLY A 158 -23.25 -35.34 -7.84
N SER A 159 -23.95 -34.93 -8.88
CA SER A 159 -24.12 -33.52 -9.23
C SER A 159 -25.53 -33.23 -9.77
N HIS A 160 -25.81 -31.95 -9.89
CA HIS A 160 -27.10 -31.47 -10.38
C HIS A 160 -27.23 -31.71 -11.88
N ASP A 161 -26.12 -31.62 -12.64
CA ASP A 161 -26.15 -31.93 -14.08
C ASP A 161 -26.64 -33.34 -14.28
N ALA A 162 -26.06 -34.27 -13.52
CA ALA A 162 -26.36 -35.71 -13.64
C ALA A 162 -27.81 -36.04 -13.29
N VAL A 163 -28.33 -35.39 -12.25
CA VAL A 163 -29.77 -35.52 -11.92
C VAL A 163 -30.65 -35.12 -13.11
N ALA A 164 -30.40 -33.93 -13.66
CA ALA A 164 -31.22 -33.42 -14.79
C ALA A 164 -31.20 -34.38 -15.99
N LEU A 165 -30.01 -34.86 -16.33
CA LEU A 165 -29.87 -35.80 -17.48
C LEU A 165 -30.53 -37.13 -17.23
N ALA A 166 -30.44 -37.63 -15.99
CA ALA A 166 -31.05 -38.95 -15.67
C ALA A 166 -32.59 -38.90 -15.81
N VAL A 167 -33.20 -37.83 -15.34
CA VAL A 167 -34.65 -37.66 -15.44
C VAL A 167 -35.09 -37.51 -16.93
N GLN A 168 -34.35 -36.68 -17.68
CA GLN A 168 -34.61 -36.44 -19.11
C GLN A 168 -34.53 -37.72 -19.96
N ASN A 169 -33.58 -38.61 -19.70
CA ASN A 169 -33.50 -39.85 -20.49
C ASN A 169 -34.17 -41.06 -19.82
N GLY A 170 -34.81 -40.88 -18.67
CA GLY A 170 -35.64 -41.95 -18.06
C GLY A 170 -34.91 -43.00 -17.20
N ASN A 171 -33.61 -42.85 -16.99
CA ASN A 171 -32.87 -43.71 -16.03
C ASN A 171 -33.44 -43.55 -14.63
N ALA A 172 -33.88 -42.33 -14.30
CA ALA A 172 -34.75 -42.06 -13.15
C ALA A 172 -36.03 -41.41 -13.70
N GLN A 173 -37.18 -41.75 -13.15
CA GLN A 173 -38.44 -41.12 -13.58
C GLN A 173 -38.75 -39.83 -12.84
N ALA A 174 -38.01 -39.54 -11.78
CA ALA A 174 -38.17 -38.27 -11.08
C ALA A 174 -36.87 -37.90 -10.36
N GLY A 175 -36.76 -36.64 -9.95
CA GLY A 175 -35.61 -36.17 -9.20
C GLY A 175 -35.76 -34.79 -8.58
N GLY A 176 -34.68 -34.35 -7.91
CA GLY A 176 -34.65 -33.10 -7.16
C GLY A 176 -33.34 -32.39 -7.46
N MET A 177 -33.39 -31.11 -7.78
CA MET A 177 -32.17 -30.32 -8.13
C MET A 177 -32.39 -28.85 -7.84
N ALA A 178 -31.33 -28.03 -8.00
CA ALA A 178 -31.44 -26.58 -7.77
C ALA A 178 -32.11 -25.93 -9.01
N CYS A 179 -33.11 -25.07 -8.78
CA CYS A 179 -33.83 -24.40 -9.87
C CYS A 179 -32.94 -23.50 -10.80
N PRO A 180 -31.93 -22.78 -10.25
CA PRO A 180 -31.05 -21.99 -11.15
C PRO A 180 -30.23 -22.86 -12.14
N ILE A 181 -29.82 -24.05 -11.71
CA ILE A 181 -29.05 -24.97 -12.59
C ILE A 181 -29.95 -25.54 -13.69
N LEU A 182 -31.17 -25.94 -13.33
CA LEU A 182 -32.15 -26.37 -14.30
C LEU A 182 -32.42 -25.26 -15.34
N LYS A 183 -32.61 -24.03 -14.88
CA LYS A 183 -32.86 -22.90 -15.78
C LYS A 183 -31.67 -22.66 -16.72
N SER A 184 -30.47 -22.65 -16.17
CA SER A 184 -29.23 -22.54 -16.95
C SER A 184 -29.06 -23.63 -18.04
N LEU A 185 -29.39 -24.88 -17.68
CA LEU A 185 -29.21 -26.00 -18.61
C LEU A 185 -30.22 -25.93 -19.79
N LYS A 186 -31.44 -25.45 -19.53
CA LYS A 186 -32.42 -25.15 -20.60
C LYS A 186 -31.97 -24.03 -21.54
N LYS A 187 -31.39 -22.98 -20.96
CA LYS A 187 -30.82 -21.87 -21.73
C LYS A 187 -29.72 -22.36 -22.69
N LYS A 188 -28.88 -23.29 -22.24
CA LYS A 188 -27.82 -23.84 -23.09
C LYS A 188 -28.27 -24.91 -24.09
N GLY A 189 -29.56 -25.26 -24.09
CA GLY A 189 -30.04 -26.39 -24.91
C GLY A 189 -29.68 -27.79 -24.42
N VAL A 190 -29.22 -27.93 -23.17
CA VAL A 190 -28.89 -29.29 -22.63
C VAL A 190 -30.15 -30.06 -22.20
N ILE A 191 -31.07 -29.34 -21.58
CA ILE A 191 -32.32 -29.90 -21.10
C ILE A 191 -33.44 -29.32 -21.96
N ASP A 192 -34.27 -30.21 -22.47
CA ASP A 192 -35.39 -29.89 -23.35
C ASP A 192 -36.65 -29.70 -22.47
N PRO A 193 -37.22 -28.47 -22.43
CA PRO A 193 -38.37 -28.23 -21.52
C PRO A 193 -39.58 -29.13 -21.75
N SER A 194 -39.73 -29.67 -22.96
CA SER A 194 -40.81 -30.61 -23.25
C SER A 194 -40.60 -32.01 -22.65
N LYS A 195 -39.37 -32.34 -22.27
CA LYS A 195 -39.03 -33.67 -21.73
C LYS A 195 -39.04 -33.74 -20.20
N VAL A 196 -38.87 -32.61 -19.52
CA VAL A 196 -38.79 -32.55 -18.06
C VAL A 196 -39.85 -31.60 -17.47
N THR A 197 -40.75 -32.13 -16.67
CA THR A 197 -41.81 -31.34 -16.02
C THR A 197 -41.39 -30.92 -14.61
N THR A 198 -41.51 -29.63 -14.25
CA THR A 198 -41.35 -29.14 -12.85
C THR A 198 -42.65 -29.40 -12.09
N ILE A 199 -42.59 -30.25 -11.08
CA ILE A 199 -43.75 -30.64 -10.29
C ILE A 199 -43.96 -29.68 -9.15
N ALA A 200 -42.88 -29.17 -8.56
CA ALA A 200 -42.94 -28.21 -7.45
C ALA A 200 -41.62 -27.45 -7.27
N GLN A 201 -41.71 -26.31 -6.58
CA GLN A 201 -40.57 -25.53 -6.16
C GLN A 201 -40.69 -25.29 -4.67
N SER A 202 -39.61 -25.52 -3.91
CA SER A 202 -39.61 -25.34 -2.45
C SER A 202 -39.72 -23.89 -2.05
N SER A 203 -39.80 -23.62 -0.75
CA SER A 203 -39.60 -22.27 -0.20
C SER A 203 -38.14 -21.86 -0.36
N PRO A 204 -37.83 -20.55 -0.21
CA PRO A 204 -36.46 -20.03 -0.36
C PRO A 204 -35.44 -20.75 0.52
N ILE A 205 -34.27 -21.02 -0.06
CA ILE A 205 -33.08 -21.51 0.64
C ILE A 205 -32.11 -20.32 0.66
N PRO A 206 -31.36 -20.11 1.77
CA PRO A 206 -30.37 -19.02 1.71
C PRO A 206 -29.23 -19.35 0.73
N GLN A 207 -28.70 -18.36 0.04
CA GLN A 207 -27.69 -18.61 -1.00
C GLN A 207 -26.43 -19.32 -0.49
N TYR A 208 -25.67 -19.87 -1.44
CA TYR A 208 -24.40 -20.54 -1.14
C TYR A 208 -23.50 -19.50 -0.46
N PRO A 209 -22.92 -19.84 0.70
CA PRO A 209 -22.01 -18.87 1.34
C PRO A 209 -20.55 -18.94 0.84
N TRP A 210 -19.97 -17.78 0.53
CA TRP A 210 -18.50 -17.62 0.50
C TRP A 210 -17.98 -17.59 1.94
N THR A 211 -16.94 -18.36 2.21
CA THR A 211 -16.29 -18.43 3.52
C THR A 211 -14.79 -18.20 3.38
N MET A 212 -14.16 -17.90 4.50
CA MET A 212 -12.74 -17.68 4.58
C MET A 212 -12.13 -18.27 5.86
N ARG A 213 -10.90 -18.77 5.73
CA ARG A 213 -10.12 -19.31 6.83
C ARG A 213 -9.94 -18.27 7.92
N SER A 214 -10.07 -18.71 9.15
CA SER A 214 -10.27 -17.82 10.29
C SER A 214 -8.92 -17.31 10.83
N THR A 215 -7.89 -18.13 10.69
CA THR A 215 -6.53 -17.78 11.07
C THR A 215 -5.78 -16.85 10.08
N LEU A 216 -6.47 -16.28 9.07
CA LEU A 216 -5.90 -15.23 8.22
C LEU A 216 -5.95 -13.90 8.96
N SER A 217 -4.99 -13.02 8.70
CA SER A 217 -4.85 -11.79 9.49
C SER A 217 -6.09 -10.89 9.36
N PRO A 218 -6.39 -10.08 10.40
CA PRO A 218 -7.50 -9.09 10.36
C PRO A 218 -7.55 -8.18 9.12
N GLU A 219 -6.37 -7.77 8.65
CA GLU A 219 -6.25 -6.80 7.56
C GLU A 219 -6.63 -7.47 6.26
N LEU A 220 -6.13 -8.68 6.04
CA LEU A 220 -6.45 -9.47 4.85
C LEU A 220 -7.96 -9.81 4.77
N LYS A 221 -8.53 -10.22 5.90
CA LYS A 221 -9.97 -10.50 6.02
C LYS A 221 -10.89 -9.36 5.64
N GLU A 222 -10.56 -8.16 6.10
CA GLU A 222 -11.33 -6.97 5.74
C GLU A 222 -11.16 -6.67 4.27
N LYS A 223 -9.95 -6.86 3.76
CA LYS A 223 -9.68 -6.66 2.32
C LYS A 223 -10.50 -7.66 1.46
N ILE A 224 -10.49 -8.93 1.87
CA ILE A 224 -11.32 -9.95 1.21
C ILE A 224 -12.81 -9.56 1.26
N ARG A 225 -13.31 -9.24 2.45
CA ARG A 225 -14.72 -8.86 2.63
C ARG A 225 -15.12 -7.68 1.76
N PHE A 226 -14.32 -6.61 1.81
CA PHE A 226 -14.51 -5.40 0.99
C PHE A 226 -14.53 -5.69 -0.51
N THR A 227 -13.51 -6.40 -0.98
CA THR A 227 -13.34 -6.72 -2.41
C THR A 227 -14.57 -7.40 -3.04
N PHE A 228 -15.09 -8.42 -2.36
CA PHE A 228 -16.33 -9.12 -2.78
C PHE A 228 -17.53 -8.17 -2.72
N LEU A 229 -17.76 -7.56 -1.56
CA LEU A 229 -18.94 -6.69 -1.34
C LEU A 229 -18.99 -5.46 -2.26
N ASP A 230 -17.81 -4.94 -2.63
CA ASP A 230 -17.66 -3.78 -3.52
C ASP A 230 -17.64 -4.11 -5.02
N LEU A 231 -17.46 -5.38 -5.35
CA LEU A 231 -17.34 -5.88 -6.73
C LEU A 231 -18.56 -5.56 -7.60
N ASP A 232 -18.31 -5.14 -8.84
CA ASP A 232 -19.35 -4.71 -9.78
C ASP A 232 -19.12 -5.14 -11.26
N SER A 233 -18.06 -5.91 -11.54
CA SER A 233 -17.65 -6.19 -12.92
C SER A 233 -18.58 -7.18 -13.66
N ASP A 234 -18.89 -6.89 -14.92
CA ASP A 234 -19.69 -7.80 -15.76
C ASP A 234 -18.90 -9.05 -16.20
N LYS A 235 -17.58 -8.93 -16.41
CA LYS A 235 -16.71 -10.09 -16.70
C LYS A 235 -16.80 -11.16 -15.60
N VAL A 236 -16.79 -10.71 -14.35
CA VAL A 236 -16.86 -11.58 -13.17
C VAL A 236 -18.28 -12.12 -12.96
N LEU A 237 -19.26 -11.22 -12.93
CA LEU A 237 -20.61 -11.52 -12.46
C LEU A 237 -21.58 -12.12 -13.47
N LYS A 238 -21.33 -11.98 -14.77
CA LYS A 238 -22.25 -12.49 -15.79
C LYS A 238 -22.35 -14.02 -15.84
N PRO A 239 -21.21 -14.73 -15.72
CA PRO A 239 -21.36 -16.19 -15.68
C PRO A 239 -22.08 -16.72 -14.42
N PHE A 240 -22.19 -15.88 -13.38
CA PHE A 240 -22.94 -16.18 -12.15
C PHE A 240 -24.43 -15.77 -12.12
N ASN A 241 -24.92 -15.08 -13.15
CA ASN A 241 -26.27 -14.50 -13.17
C ASN A 241 -26.63 -13.66 -11.91
N ALA A 242 -25.66 -12.89 -11.43
CA ALA A 242 -25.80 -12.11 -10.20
C ALA A 242 -25.56 -10.61 -10.50
N ASP A 243 -26.04 -9.73 -9.59
CA ASP A 243 -25.80 -8.27 -9.68
C ASP A 243 -24.64 -7.84 -8.81
N GLY A 244 -24.17 -8.74 -7.95
CA GLY A 244 -23.22 -8.36 -6.93
C GLY A 244 -23.18 -9.42 -5.84
N PHE A 245 -22.55 -9.07 -4.72
CA PHE A 245 -22.47 -9.90 -3.53
C PHE A 245 -22.97 -9.07 -2.34
N ALA A 246 -23.77 -9.69 -1.48
CA ALA A 246 -24.32 -9.05 -0.29
C ALA A 246 -23.79 -9.79 0.92
N SER A 247 -23.73 -9.09 2.04
CA SER A 247 -23.22 -9.63 3.30
C SER A 247 -24.18 -10.67 3.92
N ILE A 248 -23.64 -11.59 4.72
CA ILE A 248 -24.39 -12.69 5.34
C ILE A 248 -23.71 -13.01 6.67
N THR A 249 -24.42 -13.69 7.57
CA THR A 249 -23.84 -14.22 8.83
C THR A 249 -24.20 -15.69 9.05
N ASP A 250 -23.55 -16.32 10.04
CA ASP A 250 -23.75 -17.74 10.38
C ASP A 250 -25.21 -18.14 10.69
N SER A 251 -25.98 -17.22 11.29
CA SER A 251 -27.35 -17.51 11.72
C SER A 251 -28.36 -17.54 10.57
N ASP A 252 -28.03 -16.91 9.44
CA ASP A 252 -28.78 -17.14 8.18
C ASP A 252 -28.94 -18.63 7.81
N TYR A 253 -28.08 -19.51 8.35
CA TYR A 253 -28.13 -20.95 8.05
C TYR A 253 -28.71 -21.86 9.16
N ASP A 254 -29.38 -21.27 10.16
CA ASP A 254 -30.07 -22.05 11.22
C ASP A 254 -31.26 -22.84 10.70
N GLY A 255 -31.98 -22.29 9.71
CA GLY A 255 -33.03 -23.01 9.00
C GLY A 255 -32.54 -24.34 8.45
N ILE A 256 -31.32 -24.31 7.89
CA ILE A 256 -30.69 -25.50 7.32
C ILE A 256 -30.33 -26.49 8.42
N ARG A 257 -29.83 -25.99 9.55
CA ARG A 257 -29.53 -26.87 10.72
C ARG A 257 -30.83 -27.55 11.20
N LYS A 258 -31.90 -26.78 11.33
CA LYS A 258 -33.22 -27.32 11.67
C LYS A 258 -33.72 -28.38 10.69
N ALA A 259 -33.65 -28.09 9.39
CA ALA A 259 -34.04 -29.06 8.38
C ALA A 259 -33.21 -30.35 8.43
N GLY A 260 -31.91 -30.26 8.72
CA GLY A 260 -31.05 -31.45 8.73
C GLY A 260 -31.27 -32.34 9.94
N LYS A 261 -31.55 -31.70 11.08
CA LYS A 261 -31.92 -32.39 12.34
C LYS A 261 -33.20 -33.17 12.12
N LEU A 262 -34.22 -32.47 11.60
CA LEU A 262 -35.50 -33.07 11.22
C LEU A 262 -35.42 -34.28 10.27
N LEU A 263 -34.62 -34.20 9.22
CA LEU A 263 -34.45 -35.35 8.32
C LEU A 263 -33.62 -36.50 8.96
N GLY A 264 -32.78 -36.19 9.95
CA GLY A 264 -31.93 -37.20 10.59
C GLY A 264 -30.57 -37.34 9.93
N LEU A 265 -29.94 -36.21 9.63
CA LEU A 265 -28.60 -36.22 9.02
C LEU A 265 -27.48 -36.36 10.07
N ASP A 266 -26.42 -37.02 9.63
CA ASP A 266 -25.44 -37.64 10.50
C ASP A 266 -24.04 -37.16 10.13
N LEU A 267 -23.54 -36.19 10.90
CA LEU A 267 -22.19 -35.58 10.71
C LEU A 267 -21.04 -36.60 10.59
N SER A 268 -21.17 -37.73 11.31
CA SER A 268 -20.22 -38.86 11.18
C SER A 268 -20.24 -39.58 9.84
N LYS A 269 -21.35 -39.56 9.12
CA LYS A 269 -21.36 -40.03 7.74
C LYS A 269 -20.47 -39.17 6.83
N PHE A 270 -20.47 -37.85 7.06
CA PHE A 270 -19.76 -36.88 6.22
C PHE A 270 -18.33 -36.55 6.66
N VAL A 271 -18.02 -36.68 7.95
CA VAL A 271 -16.64 -36.46 8.46
C VAL A 271 -16.10 -37.60 9.35
N LYS A 272 -14.76 -37.73 9.32
CA LYS A 272 -13.96 -38.79 9.93
C LYS A 272 -13.89 -39.96 8.98
N SER B 9 24.15 38.05 30.25
CA SER B 9 23.65 37.95 28.84
C SER B 9 24.28 36.76 28.13
N ALA B 10 25.62 36.66 28.17
CA ALA B 10 26.29 35.37 27.83
C ALA B 10 26.21 34.30 28.93
N ASP B 11 25.89 34.69 30.17
CA ASP B 11 25.69 33.71 31.25
C ASP B 11 24.72 34.26 32.31
N PRO B 12 23.45 34.42 31.95
CA PRO B 12 22.51 34.99 32.90
C PRO B 12 22.15 34.10 34.12
N ASP B 13 21.70 34.76 35.18
CA ASP B 13 21.21 34.09 36.38
C ASP B 13 19.85 33.45 36.13
N LYS B 14 19.10 34.01 35.17
CA LYS B 14 17.78 33.50 34.78
C LYS B 14 17.78 33.03 33.33
N LEU B 15 17.30 31.82 33.08
CA LEU B 15 17.12 31.35 31.69
C LEU B 15 15.65 31.49 31.27
N ILE B 16 15.43 32.25 30.19
CA ILE B 16 14.12 32.36 29.52
C ILE B 16 13.95 31.16 28.58
N VAL B 17 12.99 30.30 28.91
CA VAL B 17 12.76 29.06 28.18
C VAL B 17 11.36 29.06 27.53
N ALA B 18 11.31 29.20 26.21
CA ALA B 18 10.05 29.32 25.50
C ALA B 18 9.57 27.97 24.93
N LEU B 19 8.25 27.82 24.85
CA LEU B 19 7.58 26.60 24.37
C LEU B 19 6.45 26.93 23.36
N ILE B 20 6.54 26.36 22.16
CA ILE B 20 5.59 26.60 21.10
C ILE B 20 4.17 26.25 21.62
N PRO B 21 3.17 27.14 21.40
CA PRO B 21 1.81 26.88 21.89
C PRO B 21 0.99 25.94 20.97
N ASP B 22 1.45 24.69 20.85
CA ASP B 22 0.74 23.67 20.03
C ASP B 22 -0.59 23.18 20.66
N GLU B 23 -0.69 23.30 21.99
CA GLU B 23 -1.92 23.07 22.76
C GLU B 23 -2.19 24.28 23.66
N ASN B 24 -3.29 24.25 24.42
CA ASN B 24 -3.60 25.21 25.50
C ASN B 24 -2.38 25.53 26.33
N ALA B 25 -2.15 26.83 26.61
CA ALA B 25 -0.99 27.25 27.43
C ALA B 25 -0.87 26.48 28.74
N ALA B 26 -2.00 26.27 29.40
CA ALA B 26 -2.04 25.61 30.72
C ALA B 26 -1.51 24.17 30.70
N THR B 27 -1.87 23.43 29.66
CA THR B 27 -1.40 22.07 29.42
C THR B 27 0.10 22.03 29.10
N VAL B 28 0.52 22.91 28.20
CA VAL B 28 1.92 23.04 27.83
C VAL B 28 2.77 23.32 29.08
N ILE B 29 2.40 24.36 29.83
CA ILE B 29 3.12 24.72 31.07
C ILE B 29 3.15 23.58 32.09
N GLN B 30 2.05 22.84 32.23
CA GLN B 30 1.96 21.73 33.18
C GLN B 30 2.86 20.56 32.80
N ASP B 31 2.83 20.18 31.51
CA ASP B 31 3.66 19.06 31.03
C ASP B 31 5.16 19.31 31.19
N ASN B 32 5.59 20.57 31.16
CA ASN B 32 7.02 20.93 31.31
C ASN B 32 7.53 21.25 32.72
N GLN B 33 6.70 21.05 33.76
CA GLN B 33 7.15 21.30 35.15
C GLN B 33 8.32 20.36 35.54
N GLY B 34 8.22 19.08 35.18
CA GLY B 34 9.29 18.10 35.41
C GLY B 34 10.63 18.62 34.90
N LEU B 35 10.66 18.94 33.60
CA LEU B 35 11.83 19.51 32.99
C LEU B 35 12.32 20.77 33.67
N LYS B 36 11.40 21.66 34.04
CA LYS B 36 11.76 22.92 34.71
C LYS B 36 12.56 22.76 36.03
N ASP B 37 12.06 21.90 36.89
CA ASP B 37 12.69 21.59 38.20
C ASP B 37 14.07 20.90 38.03
N TYR B 38 14.17 20.05 37.00
CA TYR B 38 15.41 19.39 36.64
C TYR B 38 16.49 20.37 36.16
N LEU B 39 16.16 21.25 35.21
CA LEU B 39 17.11 22.23 34.70
C LEU B 39 17.48 23.29 35.74
N THR B 40 16.58 23.58 36.67
CA THR B 40 16.86 24.48 37.80
C THR B 40 18.02 23.93 38.67
N GLU B 41 17.91 22.67 39.09
CA GLU B 41 18.98 21.98 39.82
C GLU B 41 20.26 21.84 38.98
N ALA B 42 20.14 21.41 37.73
CA ALA B 42 21.30 21.15 36.88
C ALA B 42 22.15 22.39 36.61
N PHE B 43 21.51 23.52 36.29
CA PHE B 43 22.24 24.75 35.94
C PHE B 43 22.46 25.68 37.14
N ASP B 44 21.75 25.45 38.24
CA ASP B 44 21.73 26.35 39.41
C ASP B 44 21.29 27.76 39.01
N LYS B 45 20.15 27.82 38.32
CA LYS B 45 19.63 29.05 37.72
C LYS B 45 18.13 29.12 37.88
N GLU B 46 17.59 30.34 37.85
CA GLU B 46 16.12 30.52 37.77
C GLU B 46 15.67 30.19 36.35
N ILE B 47 14.58 29.42 36.24
CA ILE B 47 14.03 29.02 34.95
C ILE B 47 12.65 29.64 34.76
N GLU B 48 12.54 30.60 33.84
CA GLU B 48 11.26 31.20 33.49
C GLU B 48 10.72 30.62 32.16
N LEU B 49 9.65 29.83 32.26
CA LEU B 49 8.92 29.31 31.09
C LEU B 49 8.05 30.38 30.46
N VAL B 50 8.08 30.48 29.14
CA VAL B 50 7.22 31.39 28.38
C VAL B 50 6.39 30.55 27.38
N VAL B 51 5.10 30.88 27.27
CA VAL B 51 4.25 30.34 26.21
C VAL B 51 3.58 31.54 25.55
N THR B 52 3.96 31.80 24.30
CA THR B 52 3.45 32.93 23.55
C THR B 52 1.99 32.68 23.12
N THR B 53 1.36 33.76 22.64
CA THR B 53 -0.04 33.71 22.24
C THR B 53 -0.24 32.91 20.94
N ASP B 54 0.74 33.00 20.04
CA ASP B 54 0.73 32.22 18.79
C ASP B 54 2.20 31.90 18.42
N TYR B 55 2.41 31.24 17.28
CA TYR B 55 3.75 30.79 16.85
C TYR B 55 4.59 31.99 16.38
N SER B 56 3.97 32.91 15.62
CA SER B 56 4.65 34.12 15.12
C SER B 56 5.23 35.01 16.22
N SER B 57 4.57 35.08 17.38
CA SER B 57 5.10 35.85 18.51
C SER B 57 6.39 35.26 19.01
N MET B 58 6.43 33.93 19.16
CA MET B 58 7.69 33.25 19.48
C MET B 58 8.82 33.47 18.45
N ILE B 59 8.47 33.45 17.16
CA ILE B 59 9.44 33.73 16.09
C ILE B 59 10.07 35.14 16.25
N GLU B 60 9.23 36.15 16.39
CA GLU B 60 9.68 37.54 16.71
C GLU B 60 10.56 37.64 17.97
N ALA B 61 10.19 36.93 19.03
CA ALA B 61 10.99 36.88 20.26
C ALA B 61 12.40 36.33 20.03
N ALA B 62 12.53 35.29 19.20
CA ALA B 62 13.86 34.80 18.83
C ALA B 62 14.62 35.85 17.98
N ARG B 63 13.91 36.48 17.05
CA ARG B 63 14.49 37.51 16.20
C ARG B 63 15.12 38.65 17.02
N ASN B 64 14.50 39.00 18.14
CA ASN B 64 14.97 40.05 19.05
C ASN B 64 15.78 39.54 20.26
N ASP B 65 16.34 38.34 20.18
CA ASP B 65 17.17 37.76 21.27
C ASP B 65 16.57 37.75 22.69
N ARG B 66 15.24 37.72 22.81
CA ARG B 66 14.56 37.69 24.12
C ARG B 66 14.47 36.28 24.73
N LEU B 67 14.83 35.26 23.97
CA LEU B 67 14.78 33.86 24.42
C LEU B 67 16.19 33.30 24.62
N ASP B 68 16.35 32.42 25.60
CA ASP B 68 17.61 31.70 25.85
C ASP B 68 17.55 30.25 25.33
N LEU B 69 16.53 29.50 25.78
CA LEU B 69 16.17 28.20 25.19
C LEU B 69 14.83 28.34 24.47
N ALA B 70 14.62 27.52 23.44
CA ALA B 70 13.36 27.54 22.70
C ALA B 70 13.02 26.22 22.01
N TYR B 71 11.86 25.67 22.41
CA TYR B 71 11.26 24.48 21.82
C TYR B 71 10.29 24.89 20.72
N PHE B 72 10.76 24.82 19.47
CA PHE B 72 10.00 25.21 18.28
C PHE B 72 9.31 24.00 17.62
N GLY B 73 8.28 24.25 16.80
CA GLY B 73 7.83 23.26 15.82
C GLY B 73 8.75 23.33 14.60
N PRO B 74 8.78 22.31 13.73
CA PRO B 74 9.75 22.30 12.61
C PRO B 74 9.67 23.46 11.59
N LEU B 75 8.47 23.83 11.15
CA LEU B 75 8.32 24.94 10.20
C LEU B 75 8.63 26.29 10.88
N SER B 76 8.15 26.48 12.11
CA SER B 76 8.43 27.72 12.86
C SER B 76 9.92 27.85 13.23
N TYR B 77 10.62 26.73 13.39
CA TYR B 77 12.09 26.75 13.51
C TYR B 77 12.79 27.31 12.26
N VAL B 78 12.36 26.83 11.10
CA VAL B 78 12.94 27.20 9.80
C VAL B 78 12.74 28.68 9.52
N LEU B 79 11.58 29.22 9.90
CA LEU B 79 11.27 30.64 9.73
C LEU B 79 12.15 31.51 10.67
N ALA B 80 12.20 31.12 11.95
CA ALA B 80 13.01 31.82 12.94
C ALA B 80 14.50 31.73 12.64
N LYS B 81 14.96 30.60 12.11
CA LYS B 81 16.38 30.42 11.79
C LYS B 81 16.89 31.44 10.72
N ALA B 82 16.04 31.82 9.77
CA ALA B 82 16.40 32.73 8.69
C ALA B 82 16.65 34.17 9.16
N VAL B 83 16.06 34.55 10.29
CA VAL B 83 16.15 35.89 10.84
C VAL B 83 16.70 35.93 12.27
N SER B 84 17.35 34.87 12.75
CA SER B 84 17.79 34.88 14.15
C SER B 84 19.03 34.07 14.41
N ASP B 85 19.71 34.42 15.50
CA ASP B 85 20.91 33.75 15.97
C ASP B 85 20.52 32.71 17.01
N ILE B 86 19.98 31.59 16.50
CA ILE B 86 19.63 30.41 17.30
C ILE B 86 20.26 29.18 16.68
N GLU B 87 20.34 28.13 17.47
CA GLU B 87 21.18 26.97 17.22
C GLU B 87 20.44 25.70 17.70
N PRO B 88 20.10 24.76 16.78
CA PRO B 88 19.38 23.55 17.21
C PRO B 88 20.33 22.54 17.83
N PHE B 89 19.85 21.73 18.76
CA PHE B 89 20.75 20.88 19.57
C PHE B 89 20.20 19.56 20.08
N ALA B 90 18.89 19.46 20.36
CA ALA B 90 18.23 18.20 20.71
C ALA B 90 16.80 18.07 20.19
N ALA B 91 16.31 16.83 20.14
CA ALA B 91 14.90 16.51 19.87
C ALA B 91 14.51 15.27 20.63
N ARG B 92 13.22 15.10 20.92
CA ARG B 92 12.68 13.89 21.60
C ARG B 92 12.87 12.63 20.76
N ILE B 93 13.07 11.50 21.44
CA ILE B 93 13.18 10.16 20.84
C ILE B 93 12.35 9.15 21.64
N LYS B 94 11.74 8.21 20.91
CA LYS B 94 10.95 7.12 21.52
C LYS B 94 11.04 5.88 20.65
N GLY B 95 11.50 4.76 21.21
CA GLY B 95 11.70 3.52 20.45
C GLY B 95 12.59 3.70 19.24
N GLY B 96 13.73 4.36 19.43
CA GLY B 96 14.68 4.62 18.35
C GLY B 96 14.30 5.63 17.28
N THR B 97 13.08 6.16 17.32
CA THR B 97 12.56 7.03 16.27
C THR B 97 12.48 8.45 16.80
N LYS B 98 12.74 9.40 15.91
CA LYS B 98 12.92 10.80 16.22
C LYS B 98 12.06 11.62 15.24
N THR B 99 10.85 11.12 15.01
CA THR B 99 9.95 11.70 14.04
C THR B 99 8.50 11.58 14.53
N TYR B 100 7.59 12.31 13.87
CA TYR B 100 6.15 12.22 14.12
C TYR B 100 5.43 12.42 12.79
N ASN B 101 4.12 12.15 12.77
CA ASN B 101 3.31 12.29 11.58
C ASN B 101 2.13 13.27 11.77
N SER B 102 1.65 13.77 10.63
CA SER B 102 0.43 14.56 10.49
C SER B 102 -0.77 13.68 10.08
N CYS B 103 -1.90 13.88 10.74
CA CYS B 103 -3.13 13.10 10.56
C CYS B 103 -4.23 13.99 9.92
N ILE B 104 -4.84 13.51 8.83
CA ILE B 104 -6.10 14.06 8.33
C ILE B 104 -7.26 13.32 9.01
N ILE B 105 -8.23 14.07 9.53
CA ILE B 105 -9.37 13.51 10.25
C ILE B 105 -10.69 14.05 9.67
N GLY B 106 -11.75 13.29 9.88
CA GLY B 106 -13.08 13.69 9.43
C GLY B 106 -14.16 13.33 10.44
N ASN B 107 -15.31 14.02 10.35
CA ASN B 107 -16.42 13.81 11.25
C ASN B 107 -17.18 12.53 10.87
N THR B 108 -17.14 11.51 11.76
CA THR B 108 -17.71 10.19 11.44
C THR B 108 -19.22 10.24 11.26
N LYS B 109 -19.91 11.01 12.10
CA LYS B 109 -21.37 11.10 12.00
C LYS B 109 -21.83 11.64 10.65
N LYS B 110 -21.05 12.53 10.04
CA LYS B 110 -21.37 13.08 8.71
C LYS B 110 -20.88 12.27 7.48
N GLY B 111 -20.24 11.11 7.68
CA GLY B 111 -19.73 10.30 6.56
C GLY B 111 -18.46 10.81 5.90
N VAL B 112 -17.70 11.63 6.62
CA VAL B 112 -16.46 12.18 6.11
C VAL B 112 -15.38 11.18 6.51
N THR B 113 -15.17 10.23 5.60
CA THR B 113 -14.23 9.15 5.78
C THR B 113 -13.24 8.97 4.63
N SER B 114 -13.33 9.79 3.58
CA SER B 114 -12.35 9.72 2.47
C SER B 114 -12.02 11.13 2.01
N PHE B 115 -11.02 11.26 1.13
CA PHE B 115 -10.69 12.57 0.58
C PHE B 115 -11.84 13.20 -0.21
N ASP B 116 -12.56 12.42 -1.02
CA ASP B 116 -13.74 12.93 -1.76
C ASP B 116 -14.77 13.65 -0.89
N ASP B 117 -14.97 13.14 0.32
CA ASP B 117 -15.99 13.65 1.25
C ASP B 117 -15.69 15.06 1.78
N ILE B 118 -14.42 15.47 1.70
CA ILE B 118 -13.94 16.79 2.14
C ILE B 118 -14.41 17.93 1.18
N LYS B 119 -14.74 17.56 -0.06
CA LYS B 119 -15.22 18.52 -1.07
C LYS B 119 -16.47 19.27 -0.58
N GLY B 120 -16.43 20.59 -0.63
CA GLY B 120 -17.53 21.43 -0.21
C GLY B 120 -17.64 21.74 1.28
N THR B 121 -16.60 21.48 2.05
CA THR B 121 -16.62 21.62 3.53
C THR B 121 -15.68 22.70 4.03
N THR B 122 -15.80 22.96 5.34
CA THR B 122 -14.79 23.69 6.14
C THR B 122 -13.76 22.68 6.66
N PHE B 123 -12.49 22.95 6.37
CA PHE B 123 -11.37 22.11 6.81
C PHE B 123 -10.59 22.87 7.88
N ALA B 124 -10.54 22.33 9.12
CA ALA B 124 -9.88 22.98 10.27
C ALA B 124 -8.38 22.81 10.24
N LEU B 125 -7.68 23.94 10.41
CA LEU B 125 -6.21 24.03 10.53
C LEU B 125 -5.86 24.71 11.86
N GLY B 126 -4.61 24.59 12.28
CA GLY B 126 -4.13 25.18 13.55
C GLY B 126 -3.51 26.54 13.31
N ASP B 127 -2.32 26.76 13.84
CA ASP B 127 -1.61 28.03 13.68
C ASP B 127 -1.09 28.10 12.24
N PRO B 128 -1.18 29.30 11.61
CA PRO B 128 -0.66 29.39 10.23
C PRO B 128 0.81 28.90 10.03
N ALA B 129 1.64 28.97 11.07
CA ALA B 129 3.03 28.49 11.01
C ALA B 129 3.25 27.03 11.50
N SER B 130 2.18 26.22 11.53
CA SER B 130 2.23 24.84 12.01
C SER B 130 2.64 23.86 10.89
N THR B 131 3.56 22.97 11.22
CA THR B 131 4.07 21.98 10.30
C THR B 131 3.01 20.93 10.03
N SER B 132 2.44 20.34 11.09
CA SER B 132 1.44 19.25 10.96
C SER B 132 -0.04 19.64 11.04
N SER B 133 -0.35 20.90 11.32
CA SER B 133 -1.74 21.40 11.23
C SER B 133 -1.97 22.53 10.20
N ARG B 134 -0.97 22.79 9.34
CA ARG B 134 -1.15 23.71 8.20
C ARG B 134 -0.40 23.23 6.97
N LEU B 135 0.92 23.14 7.06
CA LEU B 135 1.81 22.84 5.91
C LEU B 135 1.56 21.47 5.28
N PHE B 136 1.71 20.42 6.07
CA PHE B 136 1.51 19.05 5.55
C PHE B 136 0.07 18.76 5.14
N PRO B 137 -0.93 19.22 5.95
CA PRO B 137 -2.31 18.96 5.50
C PRO B 137 -2.66 19.63 4.15
N GLU B 138 -2.28 20.89 3.95
CA GLU B 138 -2.50 21.53 2.63
C GLU B 138 -1.82 20.78 1.47
N LEU B 139 -0.55 20.39 1.66
CA LEU B 139 0.15 19.62 0.62
C LEU B 139 -0.54 18.29 0.31
N THR B 140 -0.96 17.55 1.34
CA THR B 140 -1.72 16.29 1.17
C THR B 140 -3.04 16.45 0.41
N LEU B 141 -3.85 17.44 0.79
CA LEU B 141 -5.13 17.67 0.10
C LEU B 141 -4.93 18.02 -1.39
N ALA B 142 -3.91 18.83 -1.68
CA ALA B 142 -3.59 19.17 -3.08
C ALA B 142 -3.10 17.93 -3.88
N GLU B 143 -2.32 17.06 -3.24
CA GLU B 143 -1.91 15.78 -3.85
C GLU B 143 -3.05 14.76 -4.05
N ASN B 144 -4.17 14.92 -3.34
CA ASN B 144 -5.36 14.08 -3.56
C ASN B 144 -6.43 14.84 -4.34
N GLY B 145 -6.02 15.80 -5.16
CA GLY B 145 -6.96 16.52 -6.02
C GLY B 145 -7.85 17.60 -5.43
N LEU B 146 -7.55 18.11 -4.23
CA LEU B 146 -8.41 19.15 -3.62
C LEU B 146 -7.66 20.47 -3.47
N THR B 147 -8.15 21.55 -4.09
CA THR B 147 -7.48 22.85 -3.97
C THR B 147 -8.20 23.83 -3.04
N LYS B 148 -7.48 24.37 -2.05
CA LYS B 148 -8.02 25.41 -1.15
C LYS B 148 -8.50 26.65 -1.92
N GLY B 149 -9.61 27.22 -1.49
CA GLY B 149 -10.22 28.35 -2.18
C GLY B 149 -11.16 28.00 -3.33
N LYS B 150 -11.11 26.75 -3.82
CA LYS B 150 -11.90 26.28 -4.95
C LYS B 150 -12.82 25.13 -4.55
N ASP B 151 -12.22 24.08 -4.01
CA ASP B 151 -12.89 22.81 -3.66
C ASP B 151 -13.33 22.74 -2.19
N PHE B 152 -12.70 23.55 -1.34
CA PHE B 152 -13.01 23.63 0.09
C PHE B 152 -12.45 24.94 0.65
N GLN B 153 -12.85 25.29 1.88
CA GLN B 153 -12.27 26.44 2.60
C GLN B 153 -11.54 26.01 3.89
N GLY B 154 -10.38 26.62 4.12
CA GLY B 154 -9.69 26.48 5.41
C GLY B 154 -10.16 27.44 6.50
N VAL B 155 -9.82 27.13 7.75
CA VAL B 155 -9.95 28.08 8.87
C VAL B 155 -8.85 27.83 9.93
N PHE B 156 -8.15 28.90 10.32
CA PHE B 156 -7.09 28.85 11.33
C PHE B 156 -7.66 28.94 12.73
N LEU B 157 -7.59 27.85 13.49
CA LEU B 157 -8.12 27.79 14.85
C LEU B 157 -7.04 27.92 15.94
N GLY B 158 -5.77 28.10 15.60
CA GLY B 158 -4.74 28.39 16.60
C GLY B 158 -3.96 27.20 17.16
N SER B 159 -4.65 26.14 17.61
CA SER B 159 -3.96 25.02 18.25
C SER B 159 -4.54 23.68 17.80
N HIS B 160 -3.77 22.63 18.09
CA HIS B 160 -4.12 21.27 17.68
C HIS B 160 -5.39 20.75 18.43
N ASP B 161 -5.55 21.16 19.69
CA ASP B 161 -6.76 20.86 20.48
C ASP B 161 -8.00 21.45 19.84
N ALA B 162 -7.91 22.71 19.41
CA ALA B 162 -9.04 23.37 18.76
C ALA B 162 -9.43 22.62 17.48
N VAL B 163 -8.43 22.22 16.69
CA VAL B 163 -8.69 21.45 15.45
C VAL B 163 -9.50 20.17 15.78
N ALA B 164 -9.03 19.40 16.75
CA ALA B 164 -9.64 18.10 17.06
C ALA B 164 -11.10 18.30 17.54
N LEU B 165 -11.29 19.27 18.43
CA LEU B 165 -12.62 19.56 19.00
C LEU B 165 -13.61 20.09 17.94
N ALA B 166 -13.15 20.85 16.96
CA ALA B 166 -14.05 21.37 15.93
C ALA B 166 -14.51 20.26 14.94
N VAL B 167 -13.64 19.29 14.69
CA VAL B 167 -14.03 18.18 13.82
C VAL B 167 -15.01 17.27 14.60
N GLN B 168 -14.69 16.97 15.85
CA GLN B 168 -15.60 16.20 16.70
C GLN B 168 -16.98 16.87 16.82
N ASN B 169 -17.02 18.19 17.07
CA ASN B 169 -18.29 18.98 17.12
C ASN B 169 -19.04 19.09 15.79
N GLY B 170 -18.32 19.09 14.67
CA GLY B 170 -18.96 19.34 13.35
C GLY B 170 -18.98 20.80 12.91
N ASN B 171 -18.42 21.70 13.72
CA ASN B 171 -18.11 23.07 13.30
C ASN B 171 -17.21 23.09 12.03
N ALA B 172 -16.31 22.11 11.93
CA ALA B 172 -15.64 21.77 10.66
C ALA B 172 -15.89 20.30 10.42
N GLN B 173 -15.99 19.89 9.16
CA GLN B 173 -16.27 18.48 8.86
C GLN B 173 -15.00 17.64 8.64
N ALA B 174 -13.85 18.30 8.51
CA ALA B 174 -12.56 17.63 8.44
C ALA B 174 -11.49 18.58 8.93
N GLY B 175 -10.27 18.06 9.08
CA GLY B 175 -9.12 18.85 9.52
C GLY B 175 -7.80 18.09 9.55
N GLY B 176 -6.74 18.78 9.97
CA GLY B 176 -5.38 18.21 10.02
C GLY B 176 -4.68 18.63 11.31
N MET B 177 -3.93 17.72 11.92
CA MET B 177 -3.28 17.91 13.19
C MET B 177 -2.15 16.89 13.39
N ALA B 178 -1.42 17.01 14.50
CA ALA B 178 -0.35 16.08 14.89
C ALA B 178 -0.93 14.77 15.48
N CYS B 179 -0.55 13.63 14.90
CA CYS B 179 -1.02 12.30 15.35
C CYS B 179 -0.77 12.05 16.85
N PRO B 180 0.40 12.44 17.39
CA PRO B 180 0.62 12.24 18.84
C PRO B 180 -0.34 13.02 19.75
N ILE B 181 -0.74 14.21 19.34
CA ILE B 181 -1.67 14.99 20.13
C ILE B 181 -3.05 14.35 20.06
N LEU B 182 -3.44 13.88 18.86
CA LEU B 182 -4.72 13.16 18.73
C LEU B 182 -4.78 11.94 19.66
N LYS B 183 -3.71 11.15 19.65
CA LYS B 183 -3.61 9.95 20.47
C LYS B 183 -3.66 10.30 21.97
N SER B 184 -2.94 11.34 22.37
CA SER B 184 -2.99 11.83 23.74
C SER B 184 -4.40 12.25 24.17
N LEU B 185 -5.07 13.03 23.33
CA LEU B 185 -6.44 13.47 23.58
C LEU B 185 -7.44 12.30 23.67
N LYS B 186 -7.22 11.21 22.92
CA LYS B 186 -8.04 9.99 23.07
C LYS B 186 -7.81 9.32 24.44
N LYS B 187 -6.55 9.16 24.82
CA LYS B 187 -6.20 8.59 26.11
C LYS B 187 -6.81 9.34 27.31
N LYS B 188 -6.99 10.66 27.17
CA LYS B 188 -7.61 11.48 28.19
C LYS B 188 -9.16 11.49 28.20
N GLY B 189 -9.80 10.86 27.22
CA GLY B 189 -11.24 10.93 27.10
C GLY B 189 -11.81 12.19 26.43
N VAL B 190 -10.93 13.11 26.00
CA VAL B 190 -11.37 14.37 25.37
C VAL B 190 -11.92 14.10 23.98
N ILE B 191 -11.22 13.31 23.18
CA ILE B 191 -11.71 12.91 21.86
C ILE B 191 -12.16 11.46 21.89
N ASP B 192 -13.37 11.23 21.36
CA ASP B 192 -14.02 9.95 21.38
C ASP B 192 -13.76 9.29 20.02
N PRO B 193 -13.12 8.09 20.02
CA PRO B 193 -12.72 7.51 18.72
C PRO B 193 -13.88 7.17 17.79
N SER B 194 -15.08 6.93 18.31
CA SER B 194 -16.22 6.68 17.45
C SER B 194 -16.77 7.93 16.77
N LYS B 195 -16.27 9.13 17.13
CA LYS B 195 -16.73 10.39 16.52
C LYS B 195 -15.82 10.99 15.43
N VAL B 196 -14.56 10.57 15.40
CA VAL B 196 -13.55 11.11 14.48
C VAL B 196 -12.81 9.97 13.78
N THR B 197 -12.90 9.90 12.45
CA THR B 197 -12.14 8.92 11.67
C THR B 197 -10.80 9.48 11.14
N THR B 198 -9.74 8.71 11.33
CA THR B 198 -8.47 9.02 10.73
C THR B 198 -8.49 8.63 9.23
N ILE B 199 -8.48 9.63 8.36
CA ILE B 199 -8.55 9.42 6.91
C ILE B 199 -7.19 9.04 6.34
N ALA B 200 -6.09 9.64 6.82
CA ALA B 200 -4.72 9.33 6.35
C ALA B 200 -3.65 9.82 7.32
N GLN B 201 -2.47 9.22 7.25
CA GLN B 201 -1.28 9.66 8.00
C GLN B 201 -0.19 10.00 7.01
N SER B 202 0.53 11.08 7.28
CA SER B 202 1.61 11.53 6.43
C SER B 202 2.87 10.65 6.59
N SER B 203 3.86 10.84 5.73
CA SER B 203 5.20 10.25 5.98
C SER B 203 5.91 11.07 7.10
N PRO B 204 7.00 10.52 7.67
CA PRO B 204 7.53 11.10 8.92
C PRO B 204 8.12 12.50 8.81
N ILE B 205 7.89 13.30 9.85
CA ILE B 205 8.36 14.67 9.96
C ILE B 205 9.45 14.66 11.02
N PRO B 206 10.58 15.33 10.80
CA PRO B 206 11.56 15.42 11.90
C PRO B 206 10.95 16.08 13.16
N GLN B 207 11.33 15.60 14.34
CA GLN B 207 10.79 16.11 15.59
C GLN B 207 11.01 17.61 15.84
N TYR B 208 10.19 18.14 16.75
CA TYR B 208 10.28 19.52 17.18
C TYR B 208 11.73 19.73 17.68
N PRO B 209 12.43 20.75 17.17
CA PRO B 209 13.79 21.00 17.69
C PRO B 209 13.85 21.87 18.94
N TRP B 210 14.61 21.41 19.94
CA TRP B 210 15.11 22.27 21.02
C TRP B 210 16.24 23.14 20.48
N THR B 211 16.20 24.45 20.76
CA THR B 211 17.19 25.41 20.29
C THR B 211 17.79 26.22 21.45
N MET B 212 18.99 26.77 21.25
CA MET B 212 19.58 27.70 22.21
C MET B 212 20.10 28.96 21.53
N ARG B 213 20.13 30.05 22.29
CA ARG B 213 20.62 31.32 21.74
C ARG B 213 22.13 31.22 21.47
N SER B 214 22.55 31.65 20.29
CA SER B 214 23.94 31.49 19.84
C SER B 214 24.94 32.30 20.69
N THR B 215 24.49 33.47 21.19
CA THR B 215 25.34 34.36 21.97
C THR B 215 25.54 33.98 23.46
N LEU B 216 24.98 32.85 23.90
CA LEU B 216 25.36 32.29 25.22
C LEU B 216 26.85 31.88 25.23
N SER B 217 27.46 31.79 26.41
CA SER B 217 28.89 31.42 26.52
C SER B 217 29.10 29.96 26.08
N PRO B 218 30.22 29.68 25.38
CA PRO B 218 30.64 28.30 25.04
C PRO B 218 30.54 27.27 26.16
N GLU B 219 30.94 27.64 27.38
CA GLU B 219 30.88 26.71 28.52
C GLU B 219 29.45 26.41 28.98
N LEU B 220 28.57 27.40 28.90
CA LEU B 220 27.14 27.23 29.22
C LEU B 220 26.41 26.43 28.13
N LYS B 221 26.72 26.69 26.87
CA LYS B 221 26.12 25.94 25.75
C LYS B 221 26.42 24.44 25.76
N GLU B 222 27.65 24.07 26.14
CA GLU B 222 28.03 22.67 26.26
C GLU B 222 27.42 21.97 27.46
N LYS B 223 27.31 22.67 28.58
CA LYS B 223 26.53 22.17 29.73
C LYS B 223 25.03 21.91 29.39
N ILE B 224 24.42 22.81 28.61
CA ILE B 224 23.04 22.68 28.14
C ILE B 224 22.92 21.38 27.31
N ARG B 225 23.75 21.23 26.28
CA ARG B 225 23.77 19.99 25.47
C ARG B 225 23.85 18.74 26.34
N PHE B 226 24.89 18.62 27.16
CA PHE B 226 25.06 17.42 27.99
C PHE B 226 23.90 17.14 28.94
N THR B 227 23.26 18.20 29.47
CA THR B 227 22.15 17.99 30.41
C THR B 227 20.97 17.33 29.69
N PHE B 228 20.71 17.76 28.45
CA PHE B 228 19.66 17.19 27.62
C PHE B 228 20.02 15.80 27.11
N LEU B 229 21.23 15.64 26.56
CA LEU B 229 21.69 14.33 26.06
C LEU B 229 21.84 13.28 27.13
N ASP B 230 22.33 13.64 28.32
CA ASP B 230 22.48 12.69 29.45
C ASP B 230 21.19 12.37 30.23
N LEU B 231 20.12 13.12 30.00
CA LEU B 231 18.89 13.04 30.82
C LEU B 231 18.16 11.72 30.65
N ASP B 232 17.70 11.11 31.74
CA ASP B 232 16.75 9.97 31.68
C ASP B 232 15.76 9.87 32.88
N SER B 233 15.45 11.00 33.50
CA SER B 233 14.48 11.09 34.59
C SER B 233 13.05 10.83 34.07
N ASP B 234 12.30 10.01 34.81
CA ASP B 234 10.89 9.72 34.48
C ASP B 234 9.98 10.88 34.78
N LYS B 235 10.22 11.58 35.89
CA LYS B 235 9.49 12.83 36.22
C LYS B 235 9.55 13.87 35.11
N VAL B 236 10.66 13.88 34.37
CA VAL B 236 10.86 14.77 33.23
C VAL B 236 10.24 14.22 31.93
N LEU B 237 10.40 12.92 31.67
CA LEU B 237 10.11 12.33 30.34
C LEU B 237 8.73 11.66 30.12
N LYS B 238 8.16 11.10 31.19
CA LYS B 238 6.82 10.52 31.16
C LYS B 238 5.72 11.48 30.61
N PRO B 239 5.63 12.74 31.10
CA PRO B 239 4.71 13.69 30.44
C PRO B 239 5.01 14.00 28.96
N PHE B 240 6.28 13.88 28.53
CA PHE B 240 6.62 13.99 27.09
C PHE B 240 6.40 12.75 26.23
N ASN B 241 6.05 11.62 26.84
CA ASN B 241 6.04 10.31 26.16
C ASN B 241 7.34 9.94 25.39
N ALA B 242 8.49 10.12 26.04
CA ALA B 242 9.78 9.95 25.36
C ALA B 242 10.77 9.14 26.20
N ASP B 243 11.71 8.47 25.53
CA ASP B 243 12.81 7.72 26.18
C ASP B 243 13.97 8.63 26.59
N GLY B 244 14.22 9.65 25.80
CA GLY B 244 15.21 10.68 26.12
C GLY B 244 15.27 11.71 25.02
N PHE B 245 16.38 12.44 24.98
CA PHE B 245 16.67 13.41 23.93
C PHE B 245 17.87 12.94 23.16
N ALA B 246 17.84 13.15 21.85
CA ALA B 246 18.95 12.83 20.96
C ALA B 246 19.39 14.06 20.16
N SER B 247 20.62 13.99 19.66
CA SER B 247 21.25 15.10 18.98
C SER B 247 20.60 15.35 17.64
N ILE B 248 20.58 16.59 17.19
CA ILE B 248 20.04 16.96 15.85
C ILE B 248 20.87 18.08 15.23
N THR B 249 20.70 18.33 13.94
CA THR B 249 21.32 19.49 13.28
C THR B 249 20.37 20.15 12.30
N ASP B 250 20.71 21.38 11.91
CA ASP B 250 19.88 22.25 11.07
C ASP B 250 19.48 21.63 9.71
N SER B 251 20.36 20.81 9.13
CA SER B 251 20.09 20.17 7.84
C SER B 251 19.03 19.06 7.95
N ASP B 252 18.74 18.58 9.16
CA ASP B 252 17.57 17.72 9.41
C ASP B 252 16.23 18.35 9.03
N TYR B 253 16.17 19.67 8.87
CA TYR B 253 14.94 20.40 8.53
C TYR B 253 14.89 20.94 7.09
N ASP B 254 15.80 20.46 6.22
CA ASP B 254 15.77 20.82 4.78
C ASP B 254 14.54 20.31 4.02
N GLY B 255 14.00 19.17 4.43
CA GLY B 255 12.72 18.69 3.88
C GLY B 255 11.58 19.67 4.14
N ILE B 256 11.58 20.26 5.34
CA ILE B 256 10.57 21.27 5.71
C ILE B 256 10.74 22.51 4.85
N ARG B 257 11.98 22.92 4.59
CA ARG B 257 12.27 24.05 3.67
C ARG B 257 11.67 23.83 2.25
N LYS B 258 11.90 22.65 1.69
CA LYS B 258 11.39 22.30 0.35
C LYS B 258 9.87 22.26 0.30
N ALA B 259 9.28 21.59 1.29
CA ALA B 259 7.81 21.59 1.44
C ALA B 259 7.24 23.00 1.60
N GLY B 260 7.96 23.87 2.29
CA GLY B 260 7.55 25.27 2.44
C GLY B 260 7.56 26.03 1.11
N LYS B 261 8.66 25.86 0.35
CA LYS B 261 8.77 26.42 -1.00
C LYS B 261 7.64 25.91 -1.90
N LEU B 262 7.40 24.60 -1.87
CA LEU B 262 6.39 23.95 -2.72
C LEU B 262 4.94 24.46 -2.50
N LEU B 263 4.56 24.70 -1.26
CA LEU B 263 3.26 25.30 -0.93
C LEU B 263 3.23 26.82 -1.19
N GLY B 264 4.38 27.47 -1.15
CA GLY B 264 4.51 28.91 -1.42
C GLY B 264 4.35 29.79 -0.19
N LEU B 265 4.94 29.35 0.93
CA LEU B 265 4.89 30.14 2.18
C LEU B 265 5.91 31.28 2.13
N ASP B 266 5.56 32.37 2.80
CA ASP B 266 6.26 33.63 2.61
C ASP B 266 6.68 34.22 3.96
N LEU B 267 8.00 34.33 4.13
CA LEU B 267 8.63 34.80 5.37
C LEU B 267 8.17 36.18 5.83
N SER B 268 7.88 37.07 4.88
CA SER B 268 7.25 38.40 5.14
C SER B 268 5.98 38.29 5.96
N LYS B 269 5.13 37.34 5.63
CA LYS B 269 3.82 37.21 6.30
C LYS B 269 3.90 36.70 7.74
N PHE B 270 5.04 36.11 8.11
CA PHE B 270 5.31 35.64 9.48
C PHE B 270 6.18 36.59 10.31
N VAL B 271 7.14 37.26 9.67
CA VAL B 271 8.00 38.30 10.34
C VAL B 271 8.04 39.68 9.64
N LYS B 272 7.99 40.74 10.47
CA LYS B 272 8.31 42.19 10.18
C LYS B 272 7.38 43.11 10.93
N SER C 9 0.52 -12.43 -26.44
CA SER C 9 0.61 -10.98 -26.08
C SER C 9 0.29 -10.74 -24.61
N ALA C 10 -0.82 -11.29 -24.11
CA ALA C 10 -1.04 -11.39 -22.66
C ALA C 10 -0.28 -12.58 -22.03
N ASP C 11 0.13 -13.56 -22.84
CA ASP C 11 0.93 -14.66 -22.34
C ASP C 11 1.86 -15.16 -23.45
N PRO C 12 2.94 -14.40 -23.75
CA PRO C 12 3.79 -14.71 -24.92
C PRO C 12 4.87 -15.79 -24.63
N ASP C 13 5.34 -16.48 -25.67
CA ASP C 13 6.41 -17.49 -25.52
C ASP C 13 7.79 -16.87 -25.29
N LYS C 14 7.94 -15.60 -25.70
CA LYS C 14 9.17 -14.85 -25.52
C LYS C 14 8.90 -13.57 -24.72
N LEU C 15 9.70 -13.35 -23.68
CA LEU C 15 9.68 -12.10 -22.90
C LEU C 15 10.79 -11.14 -23.30
N ILE C 16 10.39 -9.92 -23.69
CA ILE C 16 11.32 -8.83 -23.91
C ILE C 16 11.62 -8.14 -22.57
N VAL C 17 12.91 -8.17 -22.19
CA VAL C 17 13.38 -7.64 -20.93
C VAL C 17 14.40 -6.52 -21.18
N ALA C 18 13.97 -5.26 -21.02
CA ALA C 18 14.81 -4.10 -21.27
C ALA C 18 15.54 -3.66 -20.02
N LEU C 19 16.78 -3.21 -20.19
CA LEU C 19 17.61 -2.76 -19.07
C LEU C 19 18.12 -1.35 -19.39
N ILE C 20 18.04 -0.45 -18.41
CA ILE C 20 18.47 0.95 -18.59
C ILE C 20 20.00 0.97 -18.87
N PRO C 21 20.41 1.75 -19.88
CA PRO C 21 21.84 1.80 -20.27
C PRO C 21 22.72 2.72 -19.40
N ASP C 22 22.86 2.37 -18.12
CA ASP C 22 23.56 3.24 -17.18
C ASP C 22 25.08 3.08 -17.23
N GLU C 23 25.53 1.93 -17.75
CA GLU C 23 26.92 1.70 -18.15
C GLU C 23 26.96 1.29 -19.63
N ASN C 24 28.14 1.04 -20.17
CA ASN C 24 28.23 0.54 -21.53
C ASN C 24 27.46 -0.78 -21.65
N ALA C 25 26.86 -0.99 -22.83
CA ALA C 25 25.89 -2.03 -23.06
C ALA C 25 26.44 -3.45 -22.81
N ALA C 26 27.70 -3.68 -23.19
CA ALA C 26 28.33 -5.00 -22.99
C ALA C 26 28.36 -5.41 -21.51
N THR C 27 28.69 -4.45 -20.64
CA THR C 27 28.69 -4.66 -19.19
C THR C 27 27.29 -4.94 -18.63
N VAL C 28 26.29 -4.20 -19.10
CA VAL C 28 24.92 -4.37 -18.64
C VAL C 28 24.40 -5.77 -19.03
N ILE C 29 24.56 -6.14 -20.30
CA ILE C 29 24.20 -7.47 -20.80
C ILE C 29 24.94 -8.60 -20.05
N GLN C 30 26.26 -8.45 -19.86
CA GLN C 30 27.06 -9.46 -19.16
C GLN C 30 26.59 -9.71 -17.71
N ASP C 31 26.29 -8.63 -16.99
CA ASP C 31 25.89 -8.71 -15.59
C ASP C 31 24.53 -9.36 -15.38
N ASN C 32 23.67 -9.36 -16.40
CA ASN C 32 22.30 -9.89 -16.30
C ASN C 32 22.18 -11.29 -16.92
N GLN C 33 23.30 -11.94 -17.22
CA GLN C 33 23.28 -13.30 -17.78
C GLN C 33 22.74 -14.35 -16.79
N GLY C 34 23.14 -14.26 -15.53
CA GLY C 34 22.58 -15.10 -14.46
C GLY C 34 21.07 -14.98 -14.35
N LEU C 35 20.59 -13.75 -14.20
CA LEU C 35 19.15 -13.47 -14.19
C LEU C 35 18.45 -14.02 -15.43
N LYS C 36 19.02 -13.82 -16.63
CA LYS C 36 18.44 -14.37 -17.87
C LYS C 36 18.23 -15.91 -17.84
N ASP C 37 19.20 -16.65 -17.32
CA ASP C 37 19.12 -18.12 -17.24
C ASP C 37 18.10 -18.56 -16.19
N TYR C 38 18.12 -17.87 -15.06
CA TYR C 38 17.19 -18.14 -13.98
C TYR C 38 15.76 -17.96 -14.42
N LEU C 39 15.45 -16.84 -15.07
CA LEU C 39 14.10 -16.58 -15.56
C LEU C 39 13.68 -17.52 -16.67
N THR C 40 14.63 -17.92 -17.51
CA THR C 40 14.36 -18.88 -18.60
C THR C 40 13.77 -20.17 -18.02
N GLU C 41 14.46 -20.73 -17.03
CA GLU C 41 14.00 -21.92 -16.29
C GLU C 41 12.68 -21.67 -15.54
N ALA C 42 12.66 -20.63 -14.71
CA ALA C 42 11.49 -20.27 -13.90
C ALA C 42 10.20 -20.17 -14.69
N PHE C 43 10.20 -19.46 -15.82
CA PHE C 43 8.97 -19.30 -16.62
C PHE C 43 8.80 -20.25 -17.80
N ASP C 44 9.82 -21.06 -18.08
CA ASP C 44 9.85 -21.86 -19.33
C ASP C 44 9.56 -21.02 -20.59
N LYS C 45 10.24 -19.87 -20.69
CA LYS C 45 10.06 -18.90 -21.77
C LYS C 45 11.41 -18.47 -22.28
N GLU C 46 11.48 -18.07 -23.54
CA GLU C 46 12.68 -17.46 -24.11
C GLU C 46 12.77 -16.02 -23.58
N ILE C 47 13.95 -15.66 -23.11
CA ILE C 47 14.18 -14.36 -22.50
C ILE C 47 15.13 -13.56 -23.39
N GLU C 48 14.63 -12.48 -23.99
CA GLU C 48 15.42 -11.61 -24.86
C GLU C 48 15.79 -10.29 -24.17
N LEU C 49 17.08 -10.13 -23.79
CA LEU C 49 17.59 -8.87 -23.20
C LEU C 49 17.68 -7.77 -24.26
N VAL C 50 17.15 -6.60 -23.95
CA VAL C 50 17.28 -5.38 -24.78
C VAL C 50 18.04 -4.30 -23.98
N VAL C 51 18.99 -3.62 -24.61
CA VAL C 51 19.63 -2.42 -24.02
C VAL C 51 19.58 -1.30 -25.06
N THR C 52 18.75 -0.29 -24.83
CA THR C 52 18.61 0.82 -25.77
C THR C 52 19.85 1.76 -25.77
N THR C 53 19.91 2.57 -26.82
CA THR C 53 21.00 3.52 -27.02
C THR C 53 21.04 4.65 -25.98
N ASP C 54 19.89 5.00 -25.41
CA ASP C 54 19.77 6.01 -24.36
C ASP C 54 18.45 5.86 -23.58
N TYR C 55 18.27 6.62 -22.50
CA TYR C 55 17.13 6.43 -21.61
C TYR C 55 15.81 6.80 -22.32
N SER C 56 15.84 7.83 -23.16
CA SER C 56 14.62 8.23 -23.88
C SER C 56 14.07 7.17 -24.83
N SER C 57 14.96 6.42 -25.49
CA SER C 57 14.52 5.32 -26.40
C SER C 57 13.76 4.23 -25.64
N MET C 58 14.21 3.92 -24.42
CA MET C 58 13.54 2.90 -23.58
C MET C 58 12.13 3.36 -23.13
N ILE C 59 12.01 4.63 -22.80
CA ILE C 59 10.74 5.22 -22.39
C ILE C 59 9.76 5.11 -23.55
N GLU C 60 10.19 5.51 -24.74
CA GLU C 60 9.35 5.36 -25.94
C GLU C 60 8.93 3.93 -26.20
N ALA C 61 9.84 2.97 -26.04
CA ALA C 61 9.50 1.55 -26.21
C ALA C 61 8.40 1.10 -25.23
N ALA C 62 8.45 1.53 -23.97
CA ALA C 62 7.37 1.23 -23.01
C ALA C 62 6.02 1.90 -23.35
N ARG C 63 6.06 3.08 -23.96
CA ARG C 63 4.85 3.80 -24.33
C ARG C 63 4.16 3.08 -25.48
N ASN C 64 4.93 2.47 -26.37
CA ASN C 64 4.40 1.70 -27.50
C ASN C 64 4.15 0.21 -27.20
N ASP C 65 4.27 -0.18 -25.93
CA ASP C 65 3.98 -1.53 -25.45
C ASP C 65 4.86 -2.59 -26.07
N ARG C 66 6.11 -2.26 -26.34
CA ARG C 66 7.05 -3.17 -26.93
C ARG C 66 7.93 -3.89 -25.92
N LEU C 67 7.80 -3.56 -24.63
CA LEU C 67 8.55 -4.20 -23.54
C LEU C 67 7.65 -5.04 -22.63
N ASP C 68 8.17 -6.18 -22.14
CA ASP C 68 7.41 -7.01 -21.19
C ASP C 68 7.86 -6.80 -19.74
N LEU C 69 9.17 -6.82 -19.52
CA LEU C 69 9.79 -6.33 -18.28
C LEU C 69 10.74 -5.17 -18.58
N ALA C 70 10.93 -4.29 -17.61
CA ALA C 70 11.84 -3.15 -17.80
C ALA C 70 12.43 -2.68 -16.46
N TYR C 71 13.77 -2.72 -16.38
CA TYR C 71 14.56 -2.20 -15.25
C TYR C 71 14.92 -0.73 -15.56
N PHE C 72 14.13 0.19 -15.01
CA PHE C 72 14.30 1.65 -15.17
C PHE C 72 15.17 2.23 -14.07
N GLY C 73 15.79 3.38 -14.35
CA GLY C 73 16.26 4.32 -13.32
C GLY C 73 15.05 5.06 -12.74
N PRO C 74 15.16 5.67 -11.54
CA PRO C 74 13.96 6.28 -10.90
C PRO C 74 13.22 7.40 -11.67
N LEU C 75 13.96 8.37 -12.22
CA LEU C 75 13.40 9.44 -13.02
C LEU C 75 12.82 8.91 -14.31
N SER C 76 13.58 8.04 -14.99
CA SER C 76 13.09 7.45 -16.25
C SER C 76 11.82 6.60 -16.01
N TYR C 77 11.73 5.93 -14.87
CA TYR C 77 10.46 5.27 -14.47
C TYR C 77 9.30 6.25 -14.38
N VAL C 78 9.50 7.33 -13.65
CA VAL C 78 8.46 8.37 -13.45
C VAL C 78 7.94 8.96 -14.77
N LEU C 79 8.86 9.27 -15.66
CA LEU C 79 8.54 9.74 -17.00
C LEU C 79 7.73 8.69 -17.81
N ALA C 80 8.25 7.47 -17.90
CA ALA C 80 7.53 6.37 -18.58
C ALA C 80 6.16 6.06 -17.97
N LYS C 81 6.07 6.09 -16.64
CA LYS C 81 4.82 5.81 -15.93
C LYS C 81 3.69 6.74 -16.37
N ALA C 82 4.01 8.02 -16.55
CA ALA C 82 3.02 8.99 -17.02
C ALA C 82 2.43 8.67 -18.39
N VAL C 83 3.17 7.99 -19.27
CA VAL C 83 2.72 7.73 -20.62
C VAL C 83 2.58 6.24 -21.03
N SER C 84 2.76 5.31 -20.07
CA SER C 84 2.78 3.86 -20.35
C SER C 84 1.91 3.09 -19.36
N ASP C 85 1.43 1.92 -19.79
CA ASP C 85 0.77 0.96 -18.89
C ASP C 85 1.82 -0.06 -18.38
N ILE C 86 2.56 0.39 -17.36
CA ILE C 86 3.56 -0.41 -16.66
C ILE C 86 3.32 -0.30 -15.15
N GLU C 87 3.75 -1.32 -14.40
CA GLU C 87 3.56 -1.34 -12.95
C GLU C 87 4.87 -1.75 -12.27
N PRO C 88 5.32 -0.99 -11.24
CA PRO C 88 6.58 -1.39 -10.58
C PRO C 88 6.29 -2.53 -9.62
N PHE C 89 7.28 -3.35 -9.28
CA PHE C 89 7.06 -4.50 -8.39
C PHE C 89 8.25 -4.92 -7.53
N ALA C 90 9.47 -4.67 -7.99
CA ALA C 90 10.64 -5.06 -7.19
C ALA C 90 11.86 -4.15 -7.39
N ALA C 91 12.79 -4.24 -6.42
CA ALA C 91 14.05 -3.48 -6.39
C ALA C 91 15.13 -4.26 -5.61
N ARG C 92 16.40 -4.00 -5.92
CA ARG C 92 17.52 -4.62 -5.20
C ARG C 92 17.61 -4.12 -3.76
N ILE C 93 17.85 -5.07 -2.85
CA ILE C 93 18.05 -4.82 -1.41
C ILE C 93 19.40 -5.42 -0.99
N LYS C 94 20.12 -4.69 -0.13
CA LYS C 94 21.45 -5.07 0.31
C LYS C 94 21.58 -4.63 1.76
N GLY C 95 21.84 -5.59 2.65
CA GLY C 95 21.87 -5.33 4.09
C GLY C 95 20.66 -4.56 4.59
N GLY C 96 19.46 -4.96 4.14
CA GLY C 96 18.22 -4.26 4.53
C GLY C 96 17.97 -2.85 4.01
N THR C 97 18.88 -2.27 3.22
CA THR C 97 18.67 -0.93 2.66
C THR C 97 18.26 -1.09 1.21
N LYS C 98 17.36 -0.22 0.78
CA LYS C 98 16.75 -0.30 -0.55
C LYS C 98 16.96 1.03 -1.30
N THR C 99 18.06 1.71 -1.01
CA THR C 99 18.36 3.01 -1.60
C THR C 99 19.78 3.06 -2.13
N TYR C 100 20.12 4.14 -2.80
CA TYR C 100 21.51 4.40 -3.28
C TYR C 100 21.70 5.91 -3.27
N ASN C 101 22.93 6.39 -3.45
CA ASN C 101 23.22 7.82 -3.39
C ASN C 101 23.87 8.33 -4.69
N SER C 102 23.77 9.62 -4.91
CA SER C 102 24.44 10.33 -6.00
C SER C 102 25.74 10.93 -5.42
N CYS C 103 26.84 10.86 -6.19
CA CYS C 103 28.17 11.34 -5.78
C CYS C 103 28.60 12.50 -6.66
N ILE C 104 29.08 13.59 -6.04
CA ILE C 104 29.73 14.68 -6.77
C ILE C 104 31.25 14.41 -6.70
N ILE C 105 31.92 14.52 -7.84
CA ILE C 105 33.34 14.18 -7.95
C ILE C 105 34.11 15.31 -8.63
N GLY C 106 35.42 15.36 -8.34
CA GLY C 106 36.34 16.37 -8.89
C GLY C 106 37.72 15.82 -9.20
N ASN C 107 38.39 16.45 -10.15
CA ASN C 107 39.74 16.05 -10.57
C ASN C 107 40.79 16.46 -9.54
N THR C 108 41.43 15.46 -8.92
CA THR C 108 42.29 15.74 -7.76
C THR C 108 43.53 16.56 -8.14
N LYS C 109 44.11 16.33 -9.30
CA LYS C 109 45.29 17.10 -9.69
C LYS C 109 44.99 18.59 -9.95
N LYS C 110 43.79 18.92 -10.43
CA LYS C 110 43.39 20.31 -10.59
C LYS C 110 42.94 21.02 -9.29
N GLY C 111 42.95 20.30 -8.16
CA GLY C 111 42.55 20.87 -6.89
C GLY C 111 41.05 21.06 -6.74
N VAL C 112 40.28 20.27 -7.46
CA VAL C 112 38.81 20.35 -7.42
C VAL C 112 38.32 19.41 -6.32
N THR C 113 38.31 19.93 -5.09
CA THR C 113 37.94 19.18 -3.91
C THR C 113 36.83 19.84 -3.12
N SER C 114 36.17 20.85 -3.69
CA SER C 114 35.08 21.56 -3.02
C SER C 114 34.17 22.16 -4.07
N PHE C 115 32.98 22.57 -3.63
CA PHE C 115 32.01 23.22 -4.51
C PHE C 115 32.52 24.53 -5.12
N ASP C 116 33.29 25.27 -4.35
CA ASP C 116 33.83 26.55 -4.83
C ASP C 116 34.76 26.34 -6.03
N ASP C 117 35.47 25.23 -6.04
CA ASP C 117 36.36 24.88 -7.16
C ASP C 117 35.64 24.50 -8.44
N ILE C 118 34.32 24.24 -8.38
CA ILE C 118 33.56 23.88 -9.58
C ILE C 118 33.27 25.13 -10.45
N LYS C 119 33.35 26.30 -9.86
CA LYS C 119 33.13 27.55 -10.58
C LYS C 119 33.95 27.69 -11.86
N GLY C 120 33.27 28.01 -12.96
CA GLY C 120 33.89 28.16 -14.29
C GLY C 120 34.48 26.91 -14.94
N THR C 121 33.99 25.72 -14.53
CA THR C 121 34.47 24.45 -15.09
C THR C 121 33.44 23.86 -16.04
N THR C 122 33.86 22.81 -16.75
CA THR C 122 32.91 21.87 -17.37
C THR C 122 32.54 20.82 -16.29
N PHE C 123 31.23 20.61 -16.12
CA PHE C 123 30.66 19.61 -15.20
C PHE C 123 30.03 18.43 -15.99
N ALA C 124 30.56 17.22 -15.81
CA ALA C 124 30.11 16.05 -16.58
C ALA C 124 28.81 15.44 -16.02
N LEU C 125 27.80 15.32 -16.87
CA LEU C 125 26.53 14.63 -16.60
C LEU C 125 26.40 13.36 -17.48
N GLY C 126 25.54 12.42 -17.04
CA GLY C 126 25.20 11.21 -17.79
C GLY C 126 24.10 11.44 -18.82
N ASP C 127 23.07 10.61 -18.79
CA ASP C 127 21.89 10.78 -19.65
C ASP C 127 21.03 11.93 -19.11
N PRO C 128 20.39 12.74 -20.01
CA PRO C 128 19.47 13.79 -19.55
C PRO C 128 18.34 13.31 -18.62
N ALA C 129 17.90 12.06 -18.77
CA ALA C 129 16.86 11.50 -17.87
C ALA C 129 17.42 10.68 -16.68
N SER C 130 18.70 10.81 -16.36
CA SER C 130 19.31 10.13 -15.20
C SER C 130 19.02 10.84 -13.88
N THR C 131 18.61 10.06 -12.89
CA THR C 131 18.38 10.51 -11.53
C THR C 131 19.69 10.96 -10.85
N SER C 132 20.70 10.07 -10.86
CA SER C 132 21.93 10.25 -10.08
C SER C 132 23.10 10.84 -10.88
N SER C 133 22.98 10.95 -12.19
CA SER C 133 23.97 11.69 -13.01
C SER C 133 23.42 12.92 -13.76
N ARG C 134 22.19 13.35 -13.44
CA ARG C 134 21.62 14.61 -13.96
C ARG C 134 20.80 15.37 -12.91
N LEU C 135 19.68 14.77 -12.49
CA LEU C 135 18.69 15.45 -11.62
C LEU C 135 19.26 15.88 -10.26
N PHE C 136 19.79 14.92 -9.50
CA PHE C 136 20.35 15.22 -8.15
C PHE C 136 21.63 16.08 -8.16
N PRO C 137 22.54 15.83 -9.12
CA PRO C 137 23.72 16.71 -9.21
C PRO C 137 23.39 18.18 -9.45
N GLU C 138 22.53 18.48 -10.42
CA GLU C 138 22.13 19.87 -10.64
C GLU C 138 21.45 20.50 -9.41
N LEU C 139 20.60 19.73 -8.71
CA LEU C 139 19.96 20.22 -7.47
C LEU C 139 20.93 20.44 -6.32
N THR C 140 21.86 19.52 -6.13
CA THR C 140 22.94 19.71 -5.14
C THR C 140 23.80 20.96 -5.42
N LEU C 141 24.22 21.14 -6.67
CA LEU C 141 25.03 22.31 -7.04
C LEU C 141 24.26 23.62 -6.80
N ALA C 142 23.00 23.67 -7.22
CA ALA C 142 22.16 24.86 -7.01
C ALA C 142 21.90 25.17 -5.53
N GLU C 143 21.81 24.16 -4.68
CA GLU C 143 21.72 24.37 -3.23
C GLU C 143 23.02 24.88 -2.62
N ASN C 144 24.15 24.57 -3.25
CA ASN C 144 25.47 25.11 -2.85
C ASN C 144 25.89 26.37 -3.66
N GLY C 145 24.92 27.11 -4.19
CA GLY C 145 25.18 28.41 -4.80
C GLY C 145 25.75 28.46 -6.20
N LEU C 146 25.74 27.34 -6.94
CA LEU C 146 26.27 27.26 -8.30
C LEU C 146 25.14 26.96 -9.28
N THR C 147 24.95 27.86 -10.25
CA THR C 147 23.80 27.77 -11.17
C THR C 147 24.25 27.50 -12.60
N LYS C 148 23.69 26.47 -13.22
CA LYS C 148 24.12 26.01 -14.53
C LYS C 148 23.86 27.05 -15.59
N GLY C 149 24.82 27.25 -16.49
CA GLY C 149 24.72 28.26 -17.52
C GLY C 149 25.26 29.63 -17.12
N LYS C 150 25.53 29.85 -15.83
CA LYS C 150 26.07 31.14 -15.36
C LYS C 150 27.45 30.95 -14.70
N ASP C 151 27.51 30.05 -13.74
CA ASP C 151 28.69 29.71 -12.95
C ASP C 151 29.49 28.49 -13.47
N PHE C 152 28.86 27.65 -14.29
CA PHE C 152 29.50 26.47 -14.89
C PHE C 152 28.65 26.03 -16.05
N GLN C 153 29.19 25.15 -16.91
CA GLN C 153 28.45 24.51 -18.01
C GLN C 153 28.43 23.00 -17.87
N GLY C 154 27.27 22.40 -18.12
CA GLY C 154 27.11 20.95 -18.18
C GLY C 154 27.43 20.38 -19.54
N VAL C 155 27.85 19.12 -19.58
CA VAL C 155 27.92 18.35 -20.82
C VAL C 155 27.31 16.93 -20.60
N PHE C 156 26.35 16.55 -21.45
CA PHE C 156 25.69 15.22 -21.37
C PHE C 156 26.57 14.16 -22.05
N LEU C 157 27.21 13.30 -21.26
CA LEU C 157 28.09 12.24 -21.80
C LEU C 157 27.38 10.87 -21.92
N GLY C 158 26.11 10.77 -21.53
CA GLY C 158 25.30 9.58 -21.84
C GLY C 158 25.31 8.39 -20.88
N SER C 159 26.41 8.18 -20.15
CA SER C 159 26.46 7.13 -19.13
C SER C 159 27.35 7.47 -17.95
N HIS C 160 27.20 6.69 -16.90
CA HIS C 160 27.96 6.88 -15.67
C HIS C 160 29.45 6.53 -15.85
N ASP C 161 29.75 5.52 -16.66
CA ASP C 161 31.13 5.17 -17.05
C ASP C 161 31.83 6.37 -17.67
N ALA C 162 31.15 7.03 -18.59
CA ALA C 162 31.74 8.16 -19.33
C ALA C 162 32.02 9.35 -18.41
N VAL C 163 31.11 9.62 -17.46
CA VAL C 163 31.31 10.67 -16.44
C VAL C 163 32.59 10.42 -15.64
N ALA C 164 32.69 9.24 -15.05
CA ALA C 164 33.84 8.90 -14.22
C ALA C 164 35.18 9.03 -14.96
N LEU C 165 35.26 8.52 -16.19
CA LEU C 165 36.51 8.63 -16.98
C LEU C 165 36.82 10.07 -17.42
N ALA C 166 35.80 10.82 -17.83
CA ALA C 166 35.99 12.23 -18.20
C ALA C 166 36.59 13.07 -17.06
N VAL C 167 36.13 12.84 -15.84
CA VAL C 167 36.64 13.52 -14.67
C VAL C 167 38.07 13.05 -14.37
N GLN C 168 38.32 11.74 -14.48
CA GLN C 168 39.66 11.21 -14.21
C GLN C 168 40.70 11.76 -15.18
N ASN C 169 40.39 11.79 -16.47
CA ASN C 169 41.38 12.27 -17.41
C ASN C 169 41.43 13.81 -17.58
N GLY C 170 40.50 14.53 -16.97
CA GLY C 170 40.55 16.00 -16.97
C GLY C 170 39.78 16.73 -18.06
N ASN C 171 39.14 15.98 -18.97
CA ASN C 171 38.20 16.50 -19.97
C ASN C 171 37.04 17.30 -19.34
N ALA C 172 36.56 16.84 -18.18
CA ALA C 172 35.69 17.63 -17.29
C ALA C 172 36.40 17.69 -15.95
N GLN C 173 36.35 18.83 -15.26
CA GLN C 173 37.05 19.01 -13.96
C GLN C 173 36.21 18.55 -12.76
N ALA C 174 34.92 18.35 -13.02
CA ALA C 174 34.03 17.76 -12.03
C ALA C 174 32.84 17.09 -12.72
N GLY C 175 32.03 16.38 -11.96
CA GLY C 175 30.88 15.64 -12.48
C GLY C 175 30.03 15.00 -11.39
N GLY C 176 28.95 14.37 -11.80
CA GLY C 176 27.97 13.77 -10.89
C GLY C 176 27.56 12.40 -11.41
N MET C 177 27.53 11.40 -10.51
CA MET C 177 27.24 10.01 -10.90
C MET C 177 26.72 9.15 -9.72
N ALA C 178 26.34 7.91 -10.00
CA ALA C 178 25.82 6.98 -8.96
C ALA C 178 27.01 6.43 -8.14
N CYS C 179 26.93 6.52 -6.80
CA CYS C 179 28.00 6.02 -5.92
C CYS C 179 28.34 4.52 -6.04
N PRO C 180 27.33 3.64 -6.22
CA PRO C 180 27.63 2.22 -6.44
C PRO C 180 28.44 1.92 -7.73
N ILE C 181 28.19 2.70 -8.77
CA ILE C 181 28.92 2.52 -10.02
C ILE C 181 30.35 3.00 -9.83
N LEU C 182 30.54 4.13 -9.12
CA LEU C 182 31.89 4.64 -8.84
C LEU C 182 32.70 3.62 -8.01
N LYS C 183 32.09 3.14 -6.92
CA LYS C 183 32.61 2.02 -6.10
C LYS C 183 33.02 0.79 -6.92
N SER C 184 32.15 0.31 -7.82
CA SER C 184 32.46 -0.83 -8.70
C SER C 184 33.66 -0.58 -9.67
N LEU C 185 33.72 0.61 -10.26
CA LEU C 185 34.84 0.97 -11.13
C LEU C 185 36.15 1.04 -10.35
N LYS C 186 36.09 1.49 -9.09
CA LYS C 186 37.26 1.45 -8.19
C LYS C 186 37.73 0.03 -7.93
N LYS C 187 36.82 -0.84 -7.51
CA LYS C 187 37.16 -2.26 -7.33
C LYS C 187 37.73 -2.96 -8.59
N LYS C 188 37.25 -2.57 -9.77
CA LYS C 188 37.75 -3.14 -11.04
C LYS C 188 39.12 -2.61 -11.45
N GLY C 189 39.61 -1.57 -10.78
CA GLY C 189 40.85 -0.89 -11.19
C GLY C 189 40.72 0.13 -12.32
N VAL C 190 39.48 0.45 -12.73
CA VAL C 190 39.25 1.39 -13.84
C VAL C 190 39.44 2.84 -13.39
N ILE C 191 38.98 3.16 -12.18
CA ILE C 191 39.15 4.49 -11.59
C ILE C 191 40.11 4.36 -10.41
N ASP C 192 41.16 5.17 -10.41
CA ASP C 192 42.19 5.20 -9.37
C ASP C 192 41.73 6.21 -8.32
N PRO C 193 41.49 5.77 -7.06
CA PRO C 193 40.96 6.72 -6.05
C PRO C 193 41.83 7.96 -5.72
N SER C 194 43.12 7.91 -6.05
CA SER C 194 44.00 9.06 -5.87
C SER C 194 43.87 10.15 -6.95
N LYS C 195 43.13 9.89 -8.05
CA LYS C 195 42.90 10.89 -9.12
C LYS C 195 41.50 11.53 -9.18
N VAL C 196 40.56 10.94 -8.42
CA VAL C 196 39.19 11.44 -8.31
C VAL C 196 38.79 11.60 -6.84
N THR C 197 38.46 12.83 -6.43
CA THR C 197 38.00 13.15 -5.06
C THR C 197 36.47 13.14 -4.97
N THR C 198 35.91 12.45 -3.97
CA THR C 198 34.45 12.53 -3.70
C THR C 198 34.19 13.79 -2.90
N ILE C 199 33.54 14.78 -3.53
CA ILE C 199 33.24 16.06 -2.87
C ILE C 199 32.02 15.91 -1.93
N ALA C 200 30.96 15.22 -2.37
CA ALA C 200 29.76 15.04 -1.56
C ALA C 200 28.92 13.87 -2.03
N GLN C 201 28.03 13.43 -1.15
CA GLN C 201 27.12 12.32 -1.33
C GLN C 201 25.71 12.76 -0.98
N SER C 202 24.76 12.62 -1.92
CA SER C 202 23.37 13.03 -1.70
C SER C 202 22.72 12.22 -0.57
N SER C 203 21.53 12.65 -0.15
CA SER C 203 20.67 11.85 0.68
C SER C 203 20.10 10.68 -0.15
N PRO C 204 19.51 9.66 0.53
CA PRO C 204 19.03 8.45 -0.13
C PRO C 204 18.09 8.67 -1.31
N ILE C 205 18.31 7.92 -2.39
CA ILE C 205 17.42 7.86 -3.55
C ILE C 205 16.81 6.46 -3.54
N PRO C 206 15.48 6.33 -3.75
CA PRO C 206 14.98 4.96 -3.84
C PRO C 206 15.61 4.22 -5.02
N GLN C 207 15.76 2.91 -4.86
CA GLN C 207 16.47 2.09 -5.81
C GLN C 207 15.74 1.98 -7.19
N TYR C 208 16.46 1.59 -8.25
CA TYR C 208 15.92 1.43 -9.62
C TYR C 208 14.75 0.44 -9.57
N PRO C 209 13.58 0.77 -10.19
CA PRO C 209 12.46 -0.21 -10.14
C PRO C 209 12.39 -1.19 -11.32
N TRP C 210 12.23 -2.48 -10.99
CA TRP C 210 11.77 -3.48 -11.97
C TRP C 210 10.28 -3.23 -12.22
N THR C 211 9.87 -3.28 -13.48
CA THR C 211 8.49 -3.04 -13.89
C THR C 211 8.05 -4.11 -14.89
N MET C 212 6.75 -4.28 -15.03
CA MET C 212 6.19 -5.23 -16.00
C MET C 212 5.03 -4.62 -16.76
N ARG C 213 4.85 -5.04 -18.00
CA ARG C 213 3.71 -4.59 -18.78
C ARG C 213 2.39 -4.98 -18.11
N SER C 214 1.44 -4.04 -17.96
CA SER C 214 0.17 -4.27 -17.25
C SER C 214 -0.83 -5.16 -18.00
N THR C 215 -0.74 -5.20 -19.32
CA THR C 215 -1.63 -6.03 -20.12
C THR C 215 -1.18 -7.50 -20.23
N LEU C 216 -0.11 -7.89 -19.55
CA LEU C 216 0.18 -9.29 -19.31
C LEU C 216 -0.90 -9.86 -18.38
N SER C 217 -1.21 -11.14 -18.57
CA SER C 217 -2.30 -11.81 -17.87
C SER C 217 -2.00 -11.74 -16.38
N PRO C 218 -3.05 -11.57 -15.54
CA PRO C 218 -2.88 -11.53 -14.07
C PRO C 218 -2.02 -12.65 -13.49
N GLU C 219 -2.26 -13.87 -13.95
CA GLU C 219 -1.54 -15.07 -13.46
C GLU C 219 -0.03 -14.97 -13.71
N LEU C 220 0.35 -14.58 -14.94
CA LEU C 220 1.77 -14.40 -15.29
C LEU C 220 2.44 -13.28 -14.47
N LYS C 221 1.72 -12.17 -14.30
CA LYS C 221 2.21 -11.04 -13.49
C LYS C 221 2.61 -11.47 -12.08
N GLU C 222 1.77 -12.27 -11.42
CA GLU C 222 2.07 -12.69 -10.04
C GLU C 222 3.19 -13.71 -9.99
N LYS C 223 3.25 -14.57 -11.01
CA LYS C 223 4.40 -15.47 -11.18
C LYS C 223 5.71 -14.66 -11.31
N ILE C 224 5.70 -13.63 -12.15
CA ILE C 224 6.86 -12.71 -12.26
C ILE C 224 7.25 -12.08 -10.90
N ARG C 225 6.27 -11.51 -10.20
CA ARG C 225 6.54 -10.84 -8.92
C ARG C 225 7.17 -11.77 -7.90
N PHE C 226 6.58 -12.96 -7.71
CA PHE C 226 7.10 -13.86 -6.66
C PHE C 226 8.39 -14.58 -7.07
N THR C 227 8.60 -14.80 -8.36
CA THR C 227 9.90 -15.29 -8.83
C THR C 227 11.04 -14.34 -8.40
N PHE C 228 10.84 -13.02 -8.57
CA PHE C 228 11.83 -12.02 -8.10
C PHE C 228 11.93 -11.92 -6.57
N LEU C 229 10.78 -11.77 -5.90
CA LEU C 229 10.77 -11.60 -4.44
C LEU C 229 11.32 -12.82 -3.67
N ASP C 230 11.09 -14.02 -4.16
CA ASP C 230 11.63 -15.25 -3.52
C ASP C 230 13.05 -15.64 -3.97
N LEU C 231 13.64 -14.87 -4.89
CA LEU C 231 14.94 -15.19 -5.49
C LEU C 231 16.08 -15.11 -4.45
N ASP C 232 17.03 -16.03 -4.58
CA ASP C 232 18.08 -16.24 -3.58
C ASP C 232 19.47 -16.65 -4.17
N SER C 233 19.46 -17.33 -5.31
CA SER C 233 20.68 -17.72 -6.05
C SER C 233 21.77 -16.66 -6.17
N ASP C 234 22.97 -16.98 -5.65
CA ASP C 234 24.14 -16.11 -5.79
C ASP C 234 24.62 -15.90 -7.24
N LYS C 235 24.41 -16.88 -8.12
CA LYS C 235 24.73 -16.69 -9.55
C LYS C 235 23.97 -15.51 -10.17
N VAL C 236 22.72 -15.32 -9.73
CA VAL C 236 21.91 -14.18 -10.15
C VAL C 236 22.40 -12.90 -9.48
N LEU C 237 22.56 -12.95 -8.15
CA LEU C 237 22.67 -11.78 -7.28
C LEU C 237 24.07 -11.19 -7.09
N LYS C 238 25.10 -11.98 -7.26
CA LYS C 238 26.46 -11.48 -7.04
C LYS C 238 26.84 -10.37 -8.01
N PRO C 239 26.57 -10.55 -9.32
CA PRO C 239 26.80 -9.41 -10.23
C PRO C 239 26.05 -8.09 -9.86
N PHE C 240 24.94 -8.18 -9.12
CA PHE C 240 24.17 -6.98 -8.72
C PHE C 240 24.58 -6.37 -7.36
N ASN C 241 25.52 -7.02 -6.67
CA ASN C 241 25.90 -6.69 -5.30
C ASN C 241 24.69 -6.53 -4.37
N ALA C 242 23.77 -7.50 -4.45
CA ALA C 242 22.51 -7.48 -3.71
C ALA C 242 22.27 -8.78 -2.91
N ASP C 243 21.54 -8.68 -1.79
CA ASP C 243 21.08 -9.85 -1.01
C ASP C 243 19.81 -10.46 -1.57
N GLY C 244 19.04 -9.68 -2.34
CA GLY C 244 17.75 -10.14 -2.89
C GLY C 244 17.01 -9.00 -3.56
N PHE C 245 15.70 -9.19 -3.73
CA PHE C 245 14.76 -8.20 -4.24
C PHE C 245 13.64 -7.98 -3.22
N ALA C 246 13.23 -6.74 -3.01
CA ALA C 246 12.10 -6.46 -2.12
C ALA C 246 10.99 -5.72 -2.85
N SER C 247 9.79 -5.74 -2.26
CA SER C 247 8.60 -5.12 -2.84
C SER C 247 8.72 -3.59 -2.94
N ILE C 248 8.11 -2.99 -3.95
CA ILE C 248 7.99 -1.54 -4.07
C ILE C 248 6.64 -1.17 -4.63
N THR C 249 6.23 0.08 -4.42
CA THR C 249 5.02 0.62 -5.03
C THR C 249 5.32 1.97 -5.69
N ASP C 250 4.36 2.45 -6.48
CA ASP C 250 4.50 3.70 -7.24
C ASP C 250 4.81 4.90 -6.36
N SER C 251 4.15 4.98 -5.20
CA SER C 251 4.30 6.13 -4.30
C SER C 251 5.70 6.23 -3.70
N ASP C 252 6.48 5.15 -3.69
CA ASP C 252 7.90 5.23 -3.33
C ASP C 252 8.70 6.19 -4.24
N TYR C 253 8.16 6.57 -5.42
CA TYR C 253 8.84 7.50 -6.36
C TYR C 253 8.23 8.93 -6.40
N ASP C 254 7.45 9.30 -5.39
CA ASP C 254 6.87 10.67 -5.30
C ASP C 254 7.91 11.75 -4.96
N GLY C 255 8.94 11.38 -4.21
CA GLY C 255 10.09 12.26 -3.97
C GLY C 255 10.83 12.62 -5.25
N ILE C 256 10.96 11.66 -6.15
CA ILE C 256 11.55 11.94 -7.48
C ILE C 256 10.65 12.88 -8.30
N ARG C 257 9.33 12.66 -8.26
CA ARG C 257 8.37 13.58 -8.92
C ARG C 257 8.56 14.99 -8.38
N LYS C 258 8.52 15.17 -7.05
CA LYS C 258 8.78 16.49 -6.44
C LYS C 258 10.11 17.13 -6.89
N ALA C 259 11.20 16.35 -6.84
CA ALA C 259 12.51 16.87 -7.25
C ALA C 259 12.56 17.30 -8.72
N GLY C 260 11.91 16.53 -9.59
CA GLY C 260 11.79 16.89 -11.00
C GLY C 260 11.03 18.19 -11.22
N LYS C 261 9.91 18.39 -10.51
CA LYS C 261 9.14 19.66 -10.58
C LYS C 261 10.06 20.81 -10.18
N LEU C 262 10.72 20.66 -9.04
CA LEU C 262 11.66 21.66 -8.50
C LEU C 262 12.81 22.08 -9.46
N LEU C 263 13.37 21.14 -10.23
CA LEU C 263 14.41 21.49 -11.22
C LEU C 263 13.85 22.09 -12.52
N GLY C 264 12.59 21.82 -12.84
CA GLY C 264 11.97 22.33 -14.07
C GLY C 264 12.17 21.41 -15.26
N LEU C 265 12.05 20.10 -15.04
CA LEU C 265 12.24 19.12 -16.13
C LEU C 265 11.03 19.03 -17.07
N ASP C 266 11.32 18.81 -18.36
CA ASP C 266 10.36 18.95 -19.45
C ASP C 266 9.94 17.57 -19.97
N LEU C 267 8.80 17.05 -19.48
CA LEU C 267 8.27 15.76 -20.00
C LEU C 267 8.24 15.69 -21.53
N SER C 268 7.90 16.82 -22.17
CA SER C 268 7.87 16.93 -23.63
C SER C 268 9.24 16.87 -24.30
N LYS C 269 10.31 17.27 -23.61
CA LYS C 269 11.65 16.97 -24.12
C LYS C 269 12.00 15.47 -24.13
N PHE C 270 11.36 14.68 -23.26
CA PHE C 270 11.61 13.24 -23.17
C PHE C 270 10.60 12.36 -23.92
N VAL C 271 9.41 12.90 -24.23
CA VAL C 271 8.33 12.15 -24.91
C VAL C 271 7.73 12.93 -26.09
N LYS C 272 7.53 12.24 -27.22
CA LYS C 272 7.16 12.82 -28.52
C LYS C 272 8.37 13.50 -29.16
P1 78T D . -26.34 -27.38 -2.98
O1 78T D . -27.81 -26.96 -3.12
O2 78T D . -25.98 -27.54 -1.51
O3 78T D . -26.13 -28.72 -3.81
P1 78T E . 3.77 21.69 14.69
O1 78T E . 4.69 22.63 13.92
O2 78T E . 3.55 20.49 13.79
O3 78T E . 2.38 22.49 14.90
P1 78T F . 19.93 6.64 -12.76
O1 78T F . 18.53 7.17 -12.94
O2 78T F . 20.54 7.24 -11.52
O3 78T F . 20.78 6.83 -14.10
#